data_1ELN
# 
_entry.id   1ELN 
# 
_audit_conform.dict_name       mmcif_pdbx.dic 
_audit_conform.dict_version    5.392 
_audit_conform.dict_location   http://mmcif.pdb.org/dictionaries/ascii/mmcif_pdbx.dic 
# 
loop_
_database_2.database_id 
_database_2.database_code 
_database_2.pdbx_database_accession 
_database_2.pdbx_DOI 
PDB   1ELN         pdb_00001eln 10.2210/pdb1eln/pdb 
RCSB  RCSB010707   ?            ?                   
WWPDB D_1000010707 ?            ?                   
# 
loop_
_pdbx_audit_revision_history.ordinal 
_pdbx_audit_revision_history.data_content_type 
_pdbx_audit_revision_history.major_revision 
_pdbx_audit_revision_history.minor_revision 
_pdbx_audit_revision_history.revision_date 
1 'Structure model' 1 0 2000-03-27 
2 'Structure model' 1 1 2008-04-27 
3 'Structure model' 1 2 2011-07-13 
4 'Structure model' 1 3 2022-02-16 
5 'Structure model' 1 4 2024-05-22 
# 
_pdbx_audit_revision_details.ordinal             1 
_pdbx_audit_revision_details.revision_ordinal    1 
_pdbx_audit_revision_details.data_content_type   'Structure model' 
_pdbx_audit_revision_details.provider            repository 
_pdbx_audit_revision_details.type                'Initial release' 
_pdbx_audit_revision_details.description         ? 
_pdbx_audit_revision_details.details             ? 
# 
loop_
_pdbx_audit_revision_group.ordinal 
_pdbx_audit_revision_group.revision_ordinal 
_pdbx_audit_revision_group.data_content_type 
_pdbx_audit_revision_group.group 
1 2 'Structure model' 'Version format compliance' 
2 3 'Structure model' 'Version format compliance' 
3 4 'Structure model' 'Data collection'           
4 4 'Structure model' 'Database references'       
5 4 'Structure model' 'Derived calculations'      
6 5 'Structure model' 'Data collection'           
# 
loop_
_pdbx_audit_revision_category.ordinal 
_pdbx_audit_revision_category.revision_ordinal 
_pdbx_audit_revision_category.data_content_type 
_pdbx_audit_revision_category.category 
1 4 'Structure model' database_2            
2 4 'Structure model' pdbx_nmr_spectrometer 
3 4 'Structure model' pdbx_struct_assembly  
4 4 'Structure model' pdbx_struct_oper_list 
5 4 'Structure model' struct_conn           
6 5 'Structure model' chem_comp_atom        
7 5 'Structure model' chem_comp_bond        
# 
loop_
_pdbx_audit_revision_item.ordinal 
_pdbx_audit_revision_item.revision_ordinal 
_pdbx_audit_revision_item.data_content_type 
_pdbx_audit_revision_item.item 
1 4 'Structure model' '_database_2.pdbx_DOI'                
2 4 'Structure model' '_database_2.pdbx_database_accession' 
3 4 'Structure model' '_pdbx_nmr_spectrometer.model'        
4 4 'Structure model' '_struct_conn.pdbx_leaving_atom_flag' 
# 
_pdbx_database_status.status_code                     REL 
_pdbx_database_status.entry_id                        1ELN 
_pdbx_database_status.recvd_initial_deposition_date   2000-03-14 
_pdbx_database_status.deposit_site                    RCSB 
_pdbx_database_status.process_site                    RCSB 
_pdbx_database_status.status_code_mr                  REL 
_pdbx_database_status.SG_entry                        . 
_pdbx_database_status.pdb_format_compatible           Y 
_pdbx_database_status.status_code_sf                  ? 
_pdbx_database_status.status_code_cs                  ? 
_pdbx_database_status.status_code_nmr_data            ? 
_pdbx_database_status.methods_development_category    ? 
# 
_pdbx_database_related.db_name        PDB 
_pdbx_database_related.db_id          1EL2 
_pdbx_database_related.details        'Structure with A18-anti (conformer A)' 
_pdbx_database_related.content_type   unspecified 
# 
loop_
_audit_author.name 
_audit_author.pdbx_ordinal 
'Phan, A.T.'   1 
'Gueron, M.'   2 
'Leroy, J.-L.' 3 
# 
_citation.id                        primary 
_citation.title                     
'The solution structure and internal motions of a fragment of the cytidine-rich strand of the human telomere.' 
_citation.journal_abbrev            J.Mol.Biol. 
_citation.journal_volume            299 
_citation.page_first                123 
_citation.page_last                 144 
_citation.year                      2000 
_citation.journal_id_ASTM           JMOBAK 
_citation.country                   UK 
_citation.journal_id_ISSN           0022-2836 
_citation.journal_id_CSD            0070 
_citation.book_publisher            ? 
_citation.pdbx_database_id_PubMed   10860727 
_citation.pdbx_database_id_DOI      10.1006/jmbi.2000.3613 
# 
loop_
_citation_author.citation_id 
_citation_author.name 
_citation_author.ordinal 
_citation_author.identifier_ORCID 
primary 'Phan, A.T.'  1 ? 
primary 'Gueron, M.'  2 ? 
primary 'Leroy, J.L.' 3 ? 
# 
_entity.id                         1 
_entity.type                       polymer 
_entity.src_method                 syn 
_entity.pdbx_description           "5'-D(*CP*CP*CP*TP*AP*AP*(5CM)P*CP*CP*TP*AP*AP*CP*CP*CP*UP*AP*AP*CP*CP*CP*T)-3'" 
_entity.formula_weight             6521.236 
_entity.pdbx_number_of_molecules   1 
_entity.pdbx_ec                    ? 
_entity.pdbx_mutation              ? 
_entity.pdbx_fragment              ? 
_entity.details                    'cytosines C1, 2, 3 19, 20, and 21 protonated at N3' 
# 
_entity_name_com.entity_id   1 
_entity_name_com.name        'TELOMERE FRAGMENT' 
# 
_entity_poly.entity_id                      1 
_entity_poly.type                           polydeoxyribonucleotide 
_entity_poly.nstd_linkage                   no 
_entity_poly.nstd_monomer                   yes 
_entity_poly.pdbx_seq_one_letter_code       
;(DC)(DC)(DC)(DT)(DA)(DA)(5CM)(DC)(DC)(DT)(DA)(DA)(DC)(DC)(DC)(DU)(DA)(DA)(DC)
(DC)(DC)(DT)
;
_entity_poly.pdbx_seq_one_letter_code_can   CCCTAACCCTAACCCUAACCCT 
_entity_poly.pdbx_strand_id                 A 
_entity_poly.pdbx_target_identifier         ? 
# 
loop_
_entity_poly_seq.entity_id 
_entity_poly_seq.num 
_entity_poly_seq.mon_id 
_entity_poly_seq.hetero 
1 1  DC  n 
1 2  DC  n 
1 3  DC  n 
1 4  DT  n 
1 5  DA  n 
1 6  DA  n 
1 7  5CM n 
1 8  DC  n 
1 9  DC  n 
1 10 DT  n 
1 11 DA  n 
1 12 DA  n 
1 13 DC  n 
1 14 DC  n 
1 15 DC  n 
1 16 DU  n 
1 17 DA  n 
1 18 DA  n 
1 19 DC  n 
1 20 DC  n 
1 21 DC  n 
1 22 DT  n 
# 
loop_
_chem_comp.id 
_chem_comp.type 
_chem_comp.mon_nstd_flag 
_chem_comp.name 
_chem_comp.pdbx_synonyms 
_chem_comp.formula 
_chem_comp.formula_weight 
5CM 'DNA linking' n "5-METHYL-2'-DEOXY-CYTIDINE-5'-MONOPHOSPHATE" ? 'C10 H16 N3 O7 P' 321.224 
DA  'DNA linking' y "2'-DEOXYADENOSINE-5'-MONOPHOSPHATE"          ? 'C10 H14 N5 O6 P' 331.222 
DC  'DNA linking' y "2'-DEOXYCYTIDINE-5'-MONOPHOSPHATE"           ? 'C9 H14 N3 O7 P'  307.197 
DT  'DNA linking' y "THYMIDINE-5'-MONOPHOSPHATE"                  ? 'C10 H15 N2 O8 P' 322.208 
DU  'DNA linking' y "2'-DEOXYURIDINE-5'-MONOPHOSPHATE"            ? 'C9 H13 N2 O8 P'  308.182 
# 
loop_
_pdbx_poly_seq_scheme.asym_id 
_pdbx_poly_seq_scheme.entity_id 
_pdbx_poly_seq_scheme.seq_id 
_pdbx_poly_seq_scheme.mon_id 
_pdbx_poly_seq_scheme.ndb_seq_num 
_pdbx_poly_seq_scheme.pdb_seq_num 
_pdbx_poly_seq_scheme.auth_seq_num 
_pdbx_poly_seq_scheme.pdb_mon_id 
_pdbx_poly_seq_scheme.auth_mon_id 
_pdbx_poly_seq_scheme.pdb_strand_id 
_pdbx_poly_seq_scheme.pdb_ins_code 
_pdbx_poly_seq_scheme.hetero 
A 1 1  DC  1  1  1  DC  C   A . n 
A 1 2  DC  2  2  2  DC  C   A . n 
A 1 3  DC  3  3  3  DC  C   A . n 
A 1 4  DT  4  4  4  DT  T   A . n 
A 1 5  DA  5  5  5  DA  A   A . n 
A 1 6  DA  6  6  6  DA  A   A . n 
A 1 7  5CM 7  7  7  5CM 5CM A . n 
A 1 8  DC  8  8  8  DC  C   A . n 
A 1 9  DC  9  9  9  DC  C   A . n 
A 1 10 DT  10 10 10 DT  T   A . n 
A 1 11 DA  11 11 11 DA  A   A . n 
A 1 12 DA  12 12 12 DA  A   A . n 
A 1 13 DC  13 13 13 DC  C   A . n 
A 1 14 DC  14 14 14 DC  C   A . n 
A 1 15 DC  15 15 15 DC  C   A . n 
A 1 16 DU  16 16 16 DU  U   A . n 
A 1 17 DA  17 17 17 DA  A   A . n 
A 1 18 DA  18 18 18 DA  A   A . n 
A 1 19 DC  19 19 19 DC  C   A . n 
A 1 20 DC  20 20 20 DC  C   A . n 
A 1 21 DC  21 21 21 DC  C   A . n 
A 1 22 DT  22 22 22 DT  T   A . n 
# 
_cell.entry_id           1ELN 
_cell.length_a           1.000 
_cell.length_b           1.000 
_cell.length_c           1.000 
_cell.angle_alpha        90.00 
_cell.angle_beta         90.00 
_cell.angle_gamma        90.00 
_cell.Z_PDB              1 
_cell.pdbx_unique_axis   ? 
# 
_symmetry.entry_id                         1ELN 
_symmetry.space_group_name_H-M             'P 1' 
_symmetry.pdbx_full_space_group_name_H-M   ? 
_symmetry.cell_setting                     ? 
_symmetry.Int_Tables_number                1 
# 
_exptl.entry_id          1ELN 
_exptl.method            'SOLUTION NMR' 
_exptl.crystals_number   ? 
# 
_struct.entry_id                  1ELN 
_struct.title                     
;SOLUTION STRUCTURE OF A MODIFIED HUMAN TELOMERE FRAGMENT (STRUCTURE "S")
;
_struct.pdbx_model_details        ? 
_struct.pdbx_CASP_flag            ? 
_struct.pdbx_model_type_details   ? 
# 
_struct_keywords.entry_id        1ELN 
_struct_keywords.pdbx_keywords   DNA 
_struct_keywords.text            'DNA solution structure, i-motif, interacting loops, loop motions, telomere, DNA' 
# 
_struct_asym.id                            A 
_struct_asym.pdbx_blank_PDB_chainid_flag   N 
_struct_asym.pdbx_modified                 N 
_struct_asym.entity_id                     1 
_struct_asym.details                       ? 
# 
_struct_ref.id                         1 
_struct_ref.entity_id                  1 
_struct_ref.db_name                    PDB 
_struct_ref.db_code                    1ELN 
_struct_ref.pdbx_db_accession          1ELN 
_struct_ref.pdbx_db_isoform            ? 
_struct_ref.pdbx_seq_one_letter_code   ? 
_struct_ref.pdbx_align_begin           ? 
# 
_struct_ref_seq.align_id                      1 
_struct_ref_seq.ref_id                        1 
_struct_ref_seq.pdbx_PDB_id_code              1ELN 
_struct_ref_seq.pdbx_strand_id                A 
_struct_ref_seq.seq_align_beg                 1 
_struct_ref_seq.pdbx_seq_align_beg_ins_code   ? 
_struct_ref_seq.seq_align_end                 22 
_struct_ref_seq.pdbx_seq_align_end_ins_code   ? 
_struct_ref_seq.pdbx_db_accession             1ELN 
_struct_ref_seq.db_align_beg                  1 
_struct_ref_seq.pdbx_db_align_beg_ins_code    ? 
_struct_ref_seq.db_align_end                  22 
_struct_ref_seq.pdbx_db_align_end_ins_code    ? 
_struct_ref_seq.pdbx_auth_seq_align_beg       1 
_struct_ref_seq.pdbx_auth_seq_align_end       22 
# 
_pdbx_struct_assembly.id                   1 
_pdbx_struct_assembly.details              author_defined_assembly 
_pdbx_struct_assembly.method_details       ? 
_pdbx_struct_assembly.oligomeric_details   monomeric 
_pdbx_struct_assembly.oligomeric_count     1 
# 
_pdbx_struct_assembly_gen.assembly_id       1 
_pdbx_struct_assembly_gen.oper_expression   1 
_pdbx_struct_assembly_gen.asym_id_list      A 
# 
_pdbx_struct_oper_list.id                   1 
_pdbx_struct_oper_list.type                 'identity operation' 
_pdbx_struct_oper_list.name                 1_555 
_pdbx_struct_oper_list.symmetry_operation   x,y,z 
_pdbx_struct_oper_list.matrix[1][1]         1.0000000000 
_pdbx_struct_oper_list.matrix[1][2]         0.0000000000 
_pdbx_struct_oper_list.matrix[1][3]         0.0000000000 
_pdbx_struct_oper_list.vector[1]            0.0000000000 
_pdbx_struct_oper_list.matrix[2][1]         0.0000000000 
_pdbx_struct_oper_list.matrix[2][2]         1.0000000000 
_pdbx_struct_oper_list.matrix[2][3]         0.0000000000 
_pdbx_struct_oper_list.vector[2]            0.0000000000 
_pdbx_struct_oper_list.matrix[3][1]         0.0000000000 
_pdbx_struct_oper_list.matrix[3][2]         0.0000000000 
_pdbx_struct_oper_list.matrix[3][3]         1.0000000000 
_pdbx_struct_oper_list.vector[3]            0.0000000000 
# 
_struct_biol.id   1 
# 
loop_
_struct_conn.id 
_struct_conn.conn_type_id 
_struct_conn.pdbx_leaving_atom_flag 
_struct_conn.pdbx_PDB_id 
_struct_conn.ptnr1_label_asym_id 
_struct_conn.ptnr1_label_comp_id 
_struct_conn.ptnr1_label_seq_id 
_struct_conn.ptnr1_label_atom_id 
_struct_conn.pdbx_ptnr1_label_alt_id 
_struct_conn.pdbx_ptnr1_PDB_ins_code 
_struct_conn.pdbx_ptnr1_standard_comp_id 
_struct_conn.ptnr1_symmetry 
_struct_conn.ptnr2_label_asym_id 
_struct_conn.ptnr2_label_comp_id 
_struct_conn.ptnr2_label_seq_id 
_struct_conn.ptnr2_label_atom_id 
_struct_conn.pdbx_ptnr2_label_alt_id 
_struct_conn.pdbx_ptnr2_PDB_ins_code 
_struct_conn.ptnr1_auth_asym_id 
_struct_conn.ptnr1_auth_comp_id 
_struct_conn.ptnr1_auth_seq_id 
_struct_conn.ptnr2_auth_asym_id 
_struct_conn.ptnr2_auth_comp_id 
_struct_conn.ptnr2_auth_seq_id 
_struct_conn.ptnr2_symmetry 
_struct_conn.pdbx_ptnr3_label_atom_id 
_struct_conn.pdbx_ptnr3_label_seq_id 
_struct_conn.pdbx_ptnr3_label_comp_id 
_struct_conn.pdbx_ptnr3_label_asym_id 
_struct_conn.pdbx_ptnr3_label_alt_id 
_struct_conn.pdbx_ptnr3_PDB_ins_code 
_struct_conn.details 
_struct_conn.pdbx_dist_value 
_struct_conn.pdbx_value_order 
_struct_conn.pdbx_role 
covale1  covale both ? A DA  6  "O3'" ? ? ? 1_555 A 5CM 7  P  ? ? A DA  6  A 5CM 7  1_555 ? ? ? ? ? ? ?               1.614 ? ? 
covale2  covale both ? A 5CM 7  "O3'" ? ? ? 1_555 A DC  8  P  ? ? A 5CM 7  A DC  8  1_555 ? ? ? ? ? ? ?               1.612 ? ? 
hydrog1  hydrog ?    ? A DC  1  N4    ? ? ? 1_555 A DC  13 O2 ? ? A DC  1  A DC  13 1_555 ? ? ? ? ? ? TYPE_15_PAIR    ?     ? ? 
hydrog2  hydrog ?    ? A DC  1  O2    ? ? ? 1_555 A DC  13 N4 ? ? A DC  1  A DC  13 1_555 ? ? ? ? ? ? TYPE_15_PAIR    ?     ? ? 
hydrog3  hydrog ?    ? A DC  2  N4    ? ? ? 1_555 A DC  14 O2 ? ? A DC  2  A DC  14 1_555 ? ? ? ? ? ? TYPE_15_PAIR    ?     ? ? 
hydrog4  hydrog ?    ? A DC  2  O2    ? ? ? 1_555 A DC  14 N4 ? ? A DC  2  A DC  14 1_555 ? ? ? ? ? ? TYPE_15_PAIR    ?     ? ? 
hydrog5  hydrog ?    ? A DC  3  N3    ? ? ? 1_555 A DC  15 N4 ? ? A DC  3  A DC  15 1_555 ? ? ? ? ? ? TYPE_14_PAIR    ?     ? ? 
hydrog6  hydrog ?    ? A DC  3  N4    ? ? ? 1_555 A DC  15 N3 ? ? A DC  3  A DC  15 1_555 ? ? ? ? ? ? TYPE_14_PAIR    ?     ? ? 
hydrog7  hydrog ?    ? A DA  6  N6    ? ? ? 1_555 A DA  17 N7 ? ? A DA  6  A DA  17 1_555 ? ? ? ? ? ? TYPE_2_PAIR     ?     ? ? 
hydrog8  hydrog ?    ? A DA  6  N7    ? ? ? 1_555 A DA  17 N6 ? ? A DA  6  A DA  17 1_555 ? ? ? ? ? ? TYPE_2_PAIR     ?     ? ? 
hydrog9  hydrog ?    ? A 5CM 7  N3    ? ? ? 1_555 A DC  19 N4 ? ? A 5CM 7  A DC  19 1_555 ? ? ? ? ? ? TYPE_14_PAIR    ?     ? ? 
hydrog10 hydrog ?    ? A 5CM 7  N4    ? ? ? 1_555 A DC  19 N3 ? ? A 5CM 7  A DC  19 1_555 ? ? ? ? ? ? TYPE_14_PAIR    ?     ? ? 
hydrog11 hydrog ?    ? A DC  8  N4    ? ? ? 1_555 A DC  20 O2 ? ? A DC  8  A DC  20 1_555 ? ? ? ? ? ? TYPE_15_PAIR    ?     ? ? 
hydrog12 hydrog ?    ? A DC  8  O2    ? ? ? 1_555 A DC  20 N4 ? ? A DC  8  A DC  20 1_555 ? ? ? ? ? ? TYPE_15_PAIR    ?     ? ? 
hydrog13 hydrog ?    ? A DC  9  N4    ? ? ? 1_555 A DC  21 O2 ? ? A DC  9  A DC  21 1_555 ? ? ? ? ? ? TYPE_15_PAIR    ?     ? ? 
hydrog14 hydrog ?    ? A DC  9  O2    ? ? ? 1_555 A DC  21 N4 ? ? A DC  9  A DC  21 1_555 ? ? ? ? ? ? TYPE_15_PAIR    ?     ? ? 
hydrog15 hydrog ?    ? A DA  11 N3    ? ? ? 1_555 A DT  22 N3 ? ? A DA  11 A DT  22 1_555 ? ? ? ? ? ? 'DA-DT PAIR'    ?     ? ? 
hydrog16 hydrog ?    ? A DC  15 N4    ? ? ? 1_555 A DC  20 N3 ? ? A DC  15 A DC  20 1_555 ? ? ? ? ? ? 'DC-DC MISPAIR' ?     ? ? 
# 
loop_
_struct_conn_type.id 
_struct_conn_type.criteria 
_struct_conn_type.reference 
covale ? ? 
hydrog ? ? 
# 
loop_
_pdbx_validate_rmsd_angle.id 
_pdbx_validate_rmsd_angle.PDB_model_num 
_pdbx_validate_rmsd_angle.auth_atom_id_1 
_pdbx_validate_rmsd_angle.auth_asym_id_1 
_pdbx_validate_rmsd_angle.auth_comp_id_1 
_pdbx_validate_rmsd_angle.auth_seq_id_1 
_pdbx_validate_rmsd_angle.PDB_ins_code_1 
_pdbx_validate_rmsd_angle.label_alt_id_1 
_pdbx_validate_rmsd_angle.auth_atom_id_2 
_pdbx_validate_rmsd_angle.auth_asym_id_2 
_pdbx_validate_rmsd_angle.auth_comp_id_2 
_pdbx_validate_rmsd_angle.auth_seq_id_2 
_pdbx_validate_rmsd_angle.PDB_ins_code_2 
_pdbx_validate_rmsd_angle.label_alt_id_2 
_pdbx_validate_rmsd_angle.auth_atom_id_3 
_pdbx_validate_rmsd_angle.auth_asym_id_3 
_pdbx_validate_rmsd_angle.auth_comp_id_3 
_pdbx_validate_rmsd_angle.auth_seq_id_3 
_pdbx_validate_rmsd_angle.PDB_ins_code_3 
_pdbx_validate_rmsd_angle.label_alt_id_3 
_pdbx_validate_rmsd_angle.angle_value 
_pdbx_validate_rmsd_angle.angle_target_value 
_pdbx_validate_rmsd_angle.angle_deviation 
_pdbx_validate_rmsd_angle.angle_standard_deviation 
_pdbx_validate_rmsd_angle.linker_flag 
1  1 "O4'" A DC 1  ? ? "C1'" A DC 1  ? ? N1 A DC 1  ? ? 110.50 108.30 2.20  0.30 N 
2  1 C2    A DC 1  ? ? N3    A DC 1  ? ? C4 A DC 1  ? ? 122.97 119.90 3.07  0.50 N 
3  1 "O4'" A DC 2  ? ? "C1'" A DC 2  ? ? N1 A DC 2  ? ? 110.94 108.30 2.64  0.30 N 
4  1 C2    A DC 2  ? ? N3    A DC 2  ? ? C4 A DC 2  ? ? 123.04 119.90 3.14  0.50 N 
5  1 N1    A DC 2  ? ? C2    A DC 2  ? ? O2 A DC 2  ? ? 122.66 118.90 3.76  0.60 N 
6  1 "O4'" A DC 3  ? ? "C1'" A DC 3  ? ? N1 A DC 3  ? ? 111.03 108.30 2.73  0.30 N 
7  1 C2    A DC 3  ? ? N3    A DC 3  ? ? C4 A DC 3  ? ? 123.16 119.90 3.26  0.50 N 
8  1 "O4'" A DT 4  ? ? "C1'" A DT 4  ? ? N1 A DT 4  ? ? 111.71 108.30 3.41  0.30 N 
9  1 "O4'" A DA 5  ? ? "C1'" A DA 5  ? ? N9 A DA 5  ? ? 113.39 108.30 5.09  0.30 N 
10 1 N7    A DA 5  ? ? C8    A DA 5  ? ? N9 A DA 5  ? ? 117.58 113.80 3.78  0.50 N 
11 1 C8    A DA 5  ? ? N9    A DA 5  ? ? C4 A DA 5  ? ? 103.13 105.80 -2.67 0.40 N 
12 1 "O4'" A DA 6  ? ? "C1'" A DA 6  ? ? N9 A DA 6  ? ? 111.48 108.30 3.18  0.30 N 
13 1 N7    A DA 6  ? ? C8    A DA 6  ? ? N9 A DA 6  ? ? 117.38 113.80 3.58  0.50 N 
14 1 C8    A DA 6  ? ? N9    A DA 6  ? ? C4 A DA 6  ? ? 103.38 105.80 -2.42 0.40 N 
15 1 N9    A DA 6  ? ? C4    A DA 6  ? ? C5 A DA 6  ? ? 108.26 105.80 2.46  0.40 N 
16 1 "O4'" A DC 8  ? ? "C1'" A DC 8  ? ? N1 A DC 8  ? ? 110.95 108.30 2.65  0.30 N 
17 1 "O4'" A DC 9  ? ? "C1'" A DC 9  ? ? N1 A DC 9  ? ? 110.61 108.30 2.31  0.30 N 
18 1 "O4'" A DT 10 ? ? "C1'" A DT 10 ? ? N1 A DT 10 ? ? 110.80 108.30 2.50  0.30 N 
19 1 "O4'" A DA 11 ? ? "C1'" A DA 11 ? ? N9 A DA 11 ? ? 110.48 108.30 2.18  0.30 N 
20 1 N7    A DA 11 ? ? C8    A DA 11 ? ? N9 A DA 11 ? ? 117.57 113.80 3.77  0.50 N 
21 1 "O4'" A DA 12 ? ? "C1'" A DA 12 ? ? N9 A DA 12 ? ? 111.57 108.30 3.27  0.30 N 
22 1 N7    A DA 12 ? ? C8    A DA 12 ? ? N9 A DA 12 ? ? 117.53 113.80 3.73  0.50 N 
23 1 "O4'" A DC 13 ? ? "C1'" A DC 13 ? ? N1 A DC 13 ? ? 110.72 108.30 2.42  0.30 N 
24 1 "O4'" A DC 14 ? ? "C1'" A DC 14 ? ? N1 A DC 14 ? ? 111.00 108.30 2.70  0.30 N 
25 1 "O4'" A DC 15 ? ? "C1'" A DC 15 ? ? N1 A DC 15 ? ? 110.91 108.30 2.61  0.30 N 
26 1 "O4'" A DU 16 ? ? "C1'" A DU 16 ? ? N1 A DU 16 ? ? 111.25 108.30 2.95  0.30 N 
27 1 "O4'" A DA 17 ? ? "C1'" A DA 17 ? ? N9 A DA 17 ? ? 110.22 108.30 1.92  0.30 N 
28 1 N7    A DA 17 ? ? C8    A DA 17 ? ? N9 A DA 17 ? ? 117.05 113.80 3.25  0.50 N 
29 1 "O4'" A DA 18 ? ? "C1'" A DA 18 ? ? N9 A DA 18 ? ? 110.38 108.30 2.08  0.30 N 
30 1 N7    A DA 18 ? ? C8    A DA 18 ? ? N9 A DA 18 ? ? 117.64 113.80 3.84  0.50 N 
31 1 C8    A DA 18 ? ? N9    A DA 18 ? ? C4 A DA 18 ? ? 103.36 105.80 -2.44 0.40 N 
32 1 "O4'" A DC 19 ? ? "C1'" A DC 19 ? ? N1 A DC 19 ? ? 110.58 108.30 2.28  0.30 N 
33 1 C2    A DC 19 ? ? N3    A DC 19 ? ? C4 A DC 19 ? ? 124.08 119.90 4.18  0.50 N 
34 1 N1    A DC 19 ? ? C2    A DC 19 ? ? O2 A DC 19 ? ? 123.04 118.90 4.14  0.60 N 
35 1 "O4'" A DC 20 ? ? "C1'" A DC 20 ? ? N1 A DC 20 ? ? 111.25 108.30 2.95  0.30 N 
36 1 C2    A DC 20 ? ? N3    A DC 20 ? ? C4 A DC 20 ? ? 122.94 119.90 3.04  0.50 N 
37 1 "O4'" A DC 21 ? ? "C1'" A DC 21 ? ? N1 A DC 21 ? ? 110.17 108.30 1.87  0.30 N 
38 1 C2    A DC 21 ? ? N3    A DC 21 ? ? C4 A DC 21 ? ? 122.97 119.90 3.07  0.50 N 
39 1 "O4'" A DT 22 ? ? "C1'" A DT 22 ? ? N1 A DT 22 ? ? 110.96 108.30 2.66  0.30 N 
# 
_pdbx_validate_planes.id              1 
_pdbx_validate_planes.PDB_model_num   1 
_pdbx_validate_planes.auth_comp_id    DA 
_pdbx_validate_planes.auth_asym_id    A 
_pdbx_validate_planes.auth_seq_id     5 
_pdbx_validate_planes.PDB_ins_code    ? 
_pdbx_validate_planes.label_alt_id    ? 
_pdbx_validate_planes.rmsd            0.088 
_pdbx_validate_planes.type            'SIDE CHAIN' 
# 
_pdbx_struct_mod_residue.id               1 
_pdbx_struct_mod_residue.label_asym_id    A 
_pdbx_struct_mod_residue.label_comp_id    5CM 
_pdbx_struct_mod_residue.label_seq_id     7 
_pdbx_struct_mod_residue.auth_asym_id     A 
_pdbx_struct_mod_residue.auth_comp_id     5CM 
_pdbx_struct_mod_residue.auth_seq_id      7 
_pdbx_struct_mod_residue.PDB_ins_code     ? 
_pdbx_struct_mod_residue.parent_comp_id   DC 
_pdbx_struct_mod_residue.details          ? 
# 
_pdbx_nmr_ensemble.entry_id                                      1ELN 
_pdbx_nmr_ensemble.conformers_calculated_total_number            100 
_pdbx_nmr_ensemble.conformers_submitted_total_number             1 
_pdbx_nmr_ensemble.conformer_selection_criteria                  
'structures with the least restraint violations,structures with the lowest energy' 
_pdbx_nmr_ensemble.average_constraints_per_residue               ? 
_pdbx_nmr_ensemble.average_constraint_violations_per_residue     ? 
_pdbx_nmr_ensemble.maximum_distance_constraint_violation         ? 
_pdbx_nmr_ensemble.average_distance_constraint_violation         ? 
_pdbx_nmr_ensemble.maximum_upper_distance_constraint_violation   ? 
_pdbx_nmr_ensemble.maximum_lower_distance_constraint_violation   ? 
_pdbx_nmr_ensemble.distance_constraint_violation_method          ? 
_pdbx_nmr_ensemble.maximum_torsion_angle_constraint_violation    ? 
_pdbx_nmr_ensemble.average_torsion_angle_constraint_violation    ? 
_pdbx_nmr_ensemble.torsion_angle_constraint_violation_method     ? 
# 
_pdbx_nmr_representative.entry_id             1ELN 
_pdbx_nmr_representative.conformer_id         1 
_pdbx_nmr_representative.selection_criteria   'fewest violations, lowest energy' 
# 
_pdbx_nmr_sample_details.solution_id      1 
_pdbx_nmr_sample_details.contents         '1.5-4 mM of unlabeled DNA' 
_pdbx_nmr_sample_details.solvent_system   water 
# 
_pdbx_nmr_exptl_sample_conditions.conditions_id       1 
_pdbx_nmr_exptl_sample_conditions.temperature         ? 
_pdbx_nmr_exptl_sample_conditions.pressure            ambient 
_pdbx_nmr_exptl_sample_conditions.pH                  5 
_pdbx_nmr_exptl_sample_conditions.ionic_strength      '~10mM NaCl' 
_pdbx_nmr_exptl_sample_conditions.pressure_units      ? 
_pdbx_nmr_exptl_sample_conditions.temperature_units   K 
# 
_pdbx_nmr_exptl.experiment_id   1 
_pdbx_nmr_exptl.conditions_id   1 
_pdbx_nmr_exptl.solution_id     1 
_pdbx_nmr_exptl.type            'NOESY, COSY, TOCSY, 31P-1H hetero-TOCSY, 13C-1H HSQC, HMBC, JRHMBC' 
# 
_pdbx_nmr_details.entry_id   1ELN 
_pdbx_nmr_details.text       
'The structure was determined using 2D homonuclear and natural abundance heteronuclear techniques at temperatures 263-303.' 
# 
_pdbx_nmr_refine.entry_id           1ELN 
_pdbx_nmr_refine.method             'NMR-based simulated annealing' 
_pdbx_nmr_refine.details            'chemical shifts are in the same table as for the related structure 1EL2' 
_pdbx_nmr_refine.software_ordinal   1 
# 
_pdbx_nmr_software.name             X-PLOR 
_pdbx_nmr_software.version          3.851 
_pdbx_nmr_software.classification   refinement 
_pdbx_nmr_software.authors          'Brunger, A.T.' 
_pdbx_nmr_software.ordinal          1 
# 
loop_
_chem_comp_atom.comp_id 
_chem_comp_atom.atom_id 
_chem_comp_atom.type_symbol 
_chem_comp_atom.pdbx_aromatic_flag 
_chem_comp_atom.pdbx_stereo_config 
_chem_comp_atom.pdbx_ordinal 
5CM N1     N N N 1   
5CM C2     C N N 2   
5CM N3     N N N 3   
5CM C4     C N N 4   
5CM C5     C N N 5   
5CM C5A    C N N 6   
5CM C6     C N N 7   
5CM O2     O N N 8   
5CM N4     N N N 9   
5CM "C1'"  C N R 10  
5CM "C2'"  C N N 11  
5CM "C3'"  C N S 12  
5CM "C4'"  C N R 13  
5CM "O4'"  O N N 14  
5CM "O3'"  O N N 15  
5CM "C5'"  C N N 16  
5CM "O5'"  O N N 17  
5CM P      P N N 18  
5CM OP1    O N N 19  
5CM OP2    O N N 20  
5CM OP3    O N N 21  
5CM H5A1   H N N 22  
5CM H5A2   H N N 23  
5CM H5A3   H N N 24  
5CM H6     H N N 25  
5CM HN41   H N N 26  
5CM HN42   H N N 27  
5CM "H1'"  H N N 28  
5CM "H2'"  H N N 29  
5CM "H2''" H N N 30  
5CM "H3'"  H N N 31  
5CM "H4'"  H N N 32  
5CM "HO3'" H N N 33  
5CM "H5'"  H N N 34  
5CM "H5''" H N N 35  
5CM HOP2   H N N 36  
5CM HOP3   H N N 37  
DA  OP3    O N N 38  
DA  P      P N N 39  
DA  OP1    O N N 40  
DA  OP2    O N N 41  
DA  "O5'"  O N N 42  
DA  "C5'"  C N N 43  
DA  "C4'"  C N R 44  
DA  "O4'"  O N N 45  
DA  "C3'"  C N S 46  
DA  "O3'"  O N N 47  
DA  "C2'"  C N N 48  
DA  "C1'"  C N R 49  
DA  N9     N Y N 50  
DA  C8     C Y N 51  
DA  N7     N Y N 52  
DA  C5     C Y N 53  
DA  C6     C Y N 54  
DA  N6     N N N 55  
DA  N1     N Y N 56  
DA  C2     C Y N 57  
DA  N3     N Y N 58  
DA  C4     C Y N 59  
DA  HOP3   H N N 60  
DA  HOP2   H N N 61  
DA  "H5'"  H N N 62  
DA  "H5''" H N N 63  
DA  "H4'"  H N N 64  
DA  "H3'"  H N N 65  
DA  "HO3'" H N N 66  
DA  "H2'"  H N N 67  
DA  "H2''" H N N 68  
DA  "H1'"  H N N 69  
DA  H8     H N N 70  
DA  H61    H N N 71  
DA  H62    H N N 72  
DA  H2     H N N 73  
DC  OP3    O N N 74  
DC  P      P N N 75  
DC  OP1    O N N 76  
DC  OP2    O N N 77  
DC  "O5'"  O N N 78  
DC  "C5'"  C N N 79  
DC  "C4'"  C N R 80  
DC  "O4'"  O N N 81  
DC  "C3'"  C N S 82  
DC  "O3'"  O N N 83  
DC  "C2'"  C N N 84  
DC  "C1'"  C N R 85  
DC  N1     N N N 86  
DC  C2     C N N 87  
DC  O2     O N N 88  
DC  N3     N N N 89  
DC  C4     C N N 90  
DC  N4     N N N 91  
DC  C5     C N N 92  
DC  C6     C N N 93  
DC  HOP3   H N N 94  
DC  HOP2   H N N 95  
DC  "H5'"  H N N 96  
DC  "H5''" H N N 97  
DC  "H4'"  H N N 98  
DC  "H3'"  H N N 99  
DC  "HO3'" H N N 100 
DC  "H2'"  H N N 101 
DC  "H2''" H N N 102 
DC  "H1'"  H N N 103 
DC  H41    H N N 104 
DC  H42    H N N 105 
DC  H5     H N N 106 
DC  H6     H N N 107 
DT  OP3    O N N 108 
DT  P      P N N 109 
DT  OP1    O N N 110 
DT  OP2    O N N 111 
DT  "O5'"  O N N 112 
DT  "C5'"  C N N 113 
DT  "C4'"  C N R 114 
DT  "O4'"  O N N 115 
DT  "C3'"  C N S 116 
DT  "O3'"  O N N 117 
DT  "C2'"  C N N 118 
DT  "C1'"  C N R 119 
DT  N1     N N N 120 
DT  C2     C N N 121 
DT  O2     O N N 122 
DT  N3     N N N 123 
DT  C4     C N N 124 
DT  O4     O N N 125 
DT  C5     C N N 126 
DT  C7     C N N 127 
DT  C6     C N N 128 
DT  HOP3   H N N 129 
DT  HOP2   H N N 130 
DT  "H5'"  H N N 131 
DT  "H5''" H N N 132 
DT  "H4'"  H N N 133 
DT  "H3'"  H N N 134 
DT  "HO3'" H N N 135 
DT  "H2'"  H N N 136 
DT  "H2''" H N N 137 
DT  "H1'"  H N N 138 
DT  H3     H N N 139 
DT  H71    H N N 140 
DT  H72    H N N 141 
DT  H73    H N N 142 
DT  H6     H N N 143 
DU  OP3    O N N 144 
DU  P      P N N 145 
DU  OP1    O N N 146 
DU  OP2    O N N 147 
DU  "O5'"  O N N 148 
DU  "C5'"  C N N 149 
DU  "C4'"  C N R 150 
DU  "O4'"  O N N 151 
DU  "C3'"  C N S 152 
DU  "O3'"  O N N 153 
DU  "C2'"  C N N 154 
DU  "C1'"  C N R 155 
DU  N1     N N N 156 
DU  C2     C N N 157 
DU  O2     O N N 158 
DU  N3     N N N 159 
DU  C4     C N N 160 
DU  O4     O N N 161 
DU  C5     C N N 162 
DU  C6     C N N 163 
DU  HOP3   H N N 164 
DU  HOP2   H N N 165 
DU  "H5'"  H N N 166 
DU  "H5''" H N N 167 
DU  "H4'"  H N N 168 
DU  "H3'"  H N N 169 
DU  "HO3'" H N N 170 
DU  "H2'"  H N N 171 
DU  "H2''" H N N 172 
DU  "H1'"  H N N 173 
DU  H3     H N N 174 
DU  H5     H N N 175 
DU  H6     H N N 176 
# 
loop_
_chem_comp_bond.comp_id 
_chem_comp_bond.atom_id_1 
_chem_comp_bond.atom_id_2 
_chem_comp_bond.value_order 
_chem_comp_bond.pdbx_aromatic_flag 
_chem_comp_bond.pdbx_stereo_config 
_chem_comp_bond.pdbx_ordinal 
5CM N1    C2     sing N N 1   
5CM N1    C6     sing N N 2   
5CM N1    "C1'"  sing N N 3   
5CM C2    N3     sing N N 4   
5CM C2    O2     doub N N 5   
5CM N3    C4     doub N N 6   
5CM C4    C5     sing N N 7   
5CM C4    N4     sing N N 8   
5CM C5    C5A    sing N N 9   
5CM C5    C6     doub N N 10  
5CM C5A   H5A1   sing N N 11  
5CM C5A   H5A2   sing N N 12  
5CM C5A   H5A3   sing N N 13  
5CM C6    H6     sing N N 14  
5CM N4    HN41   sing N N 15  
5CM N4    HN42   sing N N 16  
5CM "C1'" "C2'"  sing N N 17  
5CM "C1'" "O4'"  sing N N 18  
5CM "C1'" "H1'"  sing N N 19  
5CM "C2'" "C3'"  sing N N 20  
5CM "C2'" "H2'"  sing N N 21  
5CM "C2'" "H2''" sing N N 22  
5CM "C3'" "C4'"  sing N N 23  
5CM "C3'" "O3'"  sing N N 24  
5CM "C3'" "H3'"  sing N N 25  
5CM "C4'" "O4'"  sing N N 26  
5CM "C4'" "C5'"  sing N N 27  
5CM "C4'" "H4'"  sing N N 28  
5CM "O3'" "HO3'" sing N N 29  
5CM "C5'" "O5'"  sing N N 30  
5CM "C5'" "H5'"  sing N N 31  
5CM "C5'" "H5''" sing N N 32  
5CM "O5'" P      sing N N 33  
5CM P     OP1    doub N N 34  
5CM P     OP2    sing N N 35  
5CM P     OP3    sing N N 36  
5CM OP2   HOP2   sing N N 37  
5CM OP3   HOP3   sing N N 38  
DA  OP3   P      sing N N 39  
DA  OP3   HOP3   sing N N 40  
DA  P     OP1    doub N N 41  
DA  P     OP2    sing N N 42  
DA  P     "O5'"  sing N N 43  
DA  OP2   HOP2   sing N N 44  
DA  "O5'" "C5'"  sing N N 45  
DA  "C5'" "C4'"  sing N N 46  
DA  "C5'" "H5'"  sing N N 47  
DA  "C5'" "H5''" sing N N 48  
DA  "C4'" "O4'"  sing N N 49  
DA  "C4'" "C3'"  sing N N 50  
DA  "C4'" "H4'"  sing N N 51  
DA  "O4'" "C1'"  sing N N 52  
DA  "C3'" "O3'"  sing N N 53  
DA  "C3'" "C2'"  sing N N 54  
DA  "C3'" "H3'"  sing N N 55  
DA  "O3'" "HO3'" sing N N 56  
DA  "C2'" "C1'"  sing N N 57  
DA  "C2'" "H2'"  sing N N 58  
DA  "C2'" "H2''" sing N N 59  
DA  "C1'" N9     sing N N 60  
DA  "C1'" "H1'"  sing N N 61  
DA  N9    C8     sing Y N 62  
DA  N9    C4     sing Y N 63  
DA  C8    N7     doub Y N 64  
DA  C8    H8     sing N N 65  
DA  N7    C5     sing Y N 66  
DA  C5    C6     sing Y N 67  
DA  C5    C4     doub Y N 68  
DA  C6    N6     sing N N 69  
DA  C6    N1     doub Y N 70  
DA  N6    H61    sing N N 71  
DA  N6    H62    sing N N 72  
DA  N1    C2     sing Y N 73  
DA  C2    N3     doub Y N 74  
DA  C2    H2     sing N N 75  
DA  N3    C4     sing Y N 76  
DC  OP3   P      sing N N 77  
DC  OP3   HOP3   sing N N 78  
DC  P     OP1    doub N N 79  
DC  P     OP2    sing N N 80  
DC  P     "O5'"  sing N N 81  
DC  OP2   HOP2   sing N N 82  
DC  "O5'" "C5'"  sing N N 83  
DC  "C5'" "C4'"  sing N N 84  
DC  "C5'" "H5'"  sing N N 85  
DC  "C5'" "H5''" sing N N 86  
DC  "C4'" "O4'"  sing N N 87  
DC  "C4'" "C3'"  sing N N 88  
DC  "C4'" "H4'"  sing N N 89  
DC  "O4'" "C1'"  sing N N 90  
DC  "C3'" "O3'"  sing N N 91  
DC  "C3'" "C2'"  sing N N 92  
DC  "C3'" "H3'"  sing N N 93  
DC  "O3'" "HO3'" sing N N 94  
DC  "C2'" "C1'"  sing N N 95  
DC  "C2'" "H2'"  sing N N 96  
DC  "C2'" "H2''" sing N N 97  
DC  "C1'" N1     sing N N 98  
DC  "C1'" "H1'"  sing N N 99  
DC  N1    C2     sing N N 100 
DC  N1    C6     sing N N 101 
DC  C2    O2     doub N N 102 
DC  C2    N3     sing N N 103 
DC  N3    C4     doub N N 104 
DC  C4    N4     sing N N 105 
DC  C4    C5     sing N N 106 
DC  N4    H41    sing N N 107 
DC  N4    H42    sing N N 108 
DC  C5    C6     doub N N 109 
DC  C5    H5     sing N N 110 
DC  C6    H6     sing N N 111 
DT  OP3   P      sing N N 112 
DT  OP3   HOP3   sing N N 113 
DT  P     OP1    doub N N 114 
DT  P     OP2    sing N N 115 
DT  P     "O5'"  sing N N 116 
DT  OP2   HOP2   sing N N 117 
DT  "O5'" "C5'"  sing N N 118 
DT  "C5'" "C4'"  sing N N 119 
DT  "C5'" "H5'"  sing N N 120 
DT  "C5'" "H5''" sing N N 121 
DT  "C4'" "O4'"  sing N N 122 
DT  "C4'" "C3'"  sing N N 123 
DT  "C4'" "H4'"  sing N N 124 
DT  "O4'" "C1'"  sing N N 125 
DT  "C3'" "O3'"  sing N N 126 
DT  "C3'" "C2'"  sing N N 127 
DT  "C3'" "H3'"  sing N N 128 
DT  "O3'" "HO3'" sing N N 129 
DT  "C2'" "C1'"  sing N N 130 
DT  "C2'" "H2'"  sing N N 131 
DT  "C2'" "H2''" sing N N 132 
DT  "C1'" N1     sing N N 133 
DT  "C1'" "H1'"  sing N N 134 
DT  N1    C2     sing N N 135 
DT  N1    C6     sing N N 136 
DT  C2    O2     doub N N 137 
DT  C2    N3     sing N N 138 
DT  N3    C4     sing N N 139 
DT  N3    H3     sing N N 140 
DT  C4    O4     doub N N 141 
DT  C4    C5     sing N N 142 
DT  C5    C7     sing N N 143 
DT  C5    C6     doub N N 144 
DT  C7    H71    sing N N 145 
DT  C7    H72    sing N N 146 
DT  C7    H73    sing N N 147 
DT  C6    H6     sing N N 148 
DU  OP3   P      sing N N 149 
DU  OP3   HOP3   sing N N 150 
DU  P     OP1    doub N N 151 
DU  P     OP2    sing N N 152 
DU  P     "O5'"  sing N N 153 
DU  OP2   HOP2   sing N N 154 
DU  "O5'" "C5'"  sing N N 155 
DU  "C5'" "C4'"  sing N N 156 
DU  "C5'" "H5'"  sing N N 157 
DU  "C5'" "H5''" sing N N 158 
DU  "C4'" "O4'"  sing N N 159 
DU  "C4'" "C3'"  sing N N 160 
DU  "C4'" "H4'"  sing N N 161 
DU  "O4'" "C1'"  sing N N 162 
DU  "C3'" "O3'"  sing N N 163 
DU  "C3'" "C2'"  sing N N 164 
DU  "C3'" "H3'"  sing N N 165 
DU  "O3'" "HO3'" sing N N 166 
DU  "C2'" "C1'"  sing N N 167 
DU  "C2'" "H2'"  sing N N 168 
DU  "C2'" "H2''" sing N N 169 
DU  "C1'" N1     sing N N 170 
DU  "C1'" "H1'"  sing N N 171 
DU  N1    C2     sing N N 172 
DU  N1    C6     sing N N 173 
DU  C2    O2     doub N N 174 
DU  C2    N3     sing N N 175 
DU  N3    C4     sing N N 176 
DU  N3    H3     sing N N 177 
DU  C4    O4     doub N N 178 
DU  C4    C5     sing N N 179 
DU  C5    C6     doub N N 180 
DU  C5    H5     sing N N 181 
DU  C6    H6     sing N N 182 
# 
loop_
_ndb_struct_conf_na.entry_id 
_ndb_struct_conf_na.feature 
1ELN 'double helix'         
1ELN 'parallel strands'     
1ELN 'mismatched base pair' 
1ELN 'internal loop'        
# 
loop_
_ndb_struct_na_base_pair.model_number 
_ndb_struct_na_base_pair.i_label_asym_id 
_ndb_struct_na_base_pair.i_label_comp_id 
_ndb_struct_na_base_pair.i_label_seq_id 
_ndb_struct_na_base_pair.i_symmetry 
_ndb_struct_na_base_pair.j_label_asym_id 
_ndb_struct_na_base_pair.j_label_comp_id 
_ndb_struct_na_base_pair.j_label_seq_id 
_ndb_struct_na_base_pair.j_symmetry 
_ndb_struct_na_base_pair.shear 
_ndb_struct_na_base_pair.stretch 
_ndb_struct_na_base_pair.stagger 
_ndb_struct_na_base_pair.buckle 
_ndb_struct_na_base_pair.propeller 
_ndb_struct_na_base_pair.opening 
_ndb_struct_na_base_pair.pair_number 
_ndb_struct_na_base_pair.pair_name 
_ndb_struct_na_base_pair.i_auth_asym_id 
_ndb_struct_na_base_pair.i_auth_seq_id 
_ndb_struct_na_base_pair.i_PDB_ins_code 
_ndb_struct_na_base_pair.j_auth_asym_id 
_ndb_struct_na_base_pair.j_auth_seq_id 
_ndb_struct_na_base_pair.j_PDB_ins_code 
_ndb_struct_na_base_pair.hbond_type_28 
_ndb_struct_na_base_pair.hbond_type_12 
1 A DA  6  1_555 A DA 17 1_555 5.798  -4.272 2.087  -40.311 -1.417  171.039  1 A_DA6:DA17_A  A 6  ? A 17 ? 2  8 
1 A 5CM 7  1_555 A DC 19 1_555 2.138  0.338  -0.158 -22.782 15.522  177.479  2 A_5CM7:DC19_A A 7  ? A 19 ? 14 2 
1 A DC  15 1_555 A DC 3  1_555 2.028  0.563  -0.619 3.860   7.682   176.448  3 A_DC15:DC3_A  A 15 ? A 3  ? 14 2 
1 A DC  8  1_555 A DC 20 1_555 1.965  1.145  0.092  0.215   5.935   176.877  4 A_DC8:DC20_A  A 8  ? A 20 ? 15 2 
1 A DC  14 1_555 A DC 2  1_555 2.119  1.760  -0.294 -7.538  3.803   178.846  5 A_DC14:DC2_A  A 14 ? A 2  ? 15 2 
1 A DC  9  1_555 A DC 21 1_555 2.098  1.777  -0.255 2.881   8.466   179.508  6 A_DC9:DC21_A  A 9  ? A 21 ? 15 2 
1 A DC  13 1_555 A DC 1  1_555 -1.965 -1.499 -0.097 -3.963  -20.612 -179.773 7 A_DC13:DC1_A  A 13 ? A 1  ? 15 2 
1 A DA  11 1_555 A DT 22 1_555 -0.311 -3.896 1.988  -12.467 7.768   -112.106 8 A_DA11:DT22_A A 11 ? A 22 ? ?  ? 
# 
loop_
_ndb_struct_na_base_pair_step.model_number 
_ndb_struct_na_base_pair_step.i_label_asym_id_1 
_ndb_struct_na_base_pair_step.i_label_comp_id_1 
_ndb_struct_na_base_pair_step.i_label_seq_id_1 
_ndb_struct_na_base_pair_step.i_symmetry_1 
_ndb_struct_na_base_pair_step.j_label_asym_id_1 
_ndb_struct_na_base_pair_step.j_label_comp_id_1 
_ndb_struct_na_base_pair_step.j_label_seq_id_1 
_ndb_struct_na_base_pair_step.j_symmetry_1 
_ndb_struct_na_base_pair_step.i_label_asym_id_2 
_ndb_struct_na_base_pair_step.i_label_comp_id_2 
_ndb_struct_na_base_pair_step.i_label_seq_id_2 
_ndb_struct_na_base_pair_step.i_symmetry_2 
_ndb_struct_na_base_pair_step.j_label_asym_id_2 
_ndb_struct_na_base_pair_step.j_label_comp_id_2 
_ndb_struct_na_base_pair_step.j_label_seq_id_2 
_ndb_struct_na_base_pair_step.j_symmetry_2 
_ndb_struct_na_base_pair_step.shift 
_ndb_struct_na_base_pair_step.slide 
_ndb_struct_na_base_pair_step.rise 
_ndb_struct_na_base_pair_step.tilt 
_ndb_struct_na_base_pair_step.roll 
_ndb_struct_na_base_pair_step.twist 
_ndb_struct_na_base_pair_step.x_displacement 
_ndb_struct_na_base_pair_step.y_displacement 
_ndb_struct_na_base_pair_step.helical_rise 
_ndb_struct_na_base_pair_step.inclination 
_ndb_struct_na_base_pair_step.tip 
_ndb_struct_na_base_pair_step.helical_twist 
_ndb_struct_na_base_pair_step.step_number 
_ndb_struct_na_base_pair_step.step_name 
_ndb_struct_na_base_pair_step.i_auth_asym_id_1 
_ndb_struct_na_base_pair_step.i_auth_seq_id_1 
_ndb_struct_na_base_pair_step.i_PDB_ins_code_1 
_ndb_struct_na_base_pair_step.j_auth_asym_id_1 
_ndb_struct_na_base_pair_step.j_auth_seq_id_1 
_ndb_struct_na_base_pair_step.j_PDB_ins_code_1 
_ndb_struct_na_base_pair_step.i_auth_asym_id_2 
_ndb_struct_na_base_pair_step.i_auth_seq_id_2 
_ndb_struct_na_base_pair_step.i_PDB_ins_code_2 
_ndb_struct_na_base_pair_step.j_auth_asym_id_2 
_ndb_struct_na_base_pair_step.j_auth_seq_id_2 
_ndb_struct_na_base_pair_step.j_PDB_ins_code_2 
1 A 5CM 7  1_555 A DC 19 1_555 A DC 15 1_555 A DC 3  1_555 2.863  -2.435 0.719  -109.654 -127.667 -74.929 1.441  1.248  0.454  
65.567  -56.316 -170.715 1 AA_5CM7DC15:DC3DC19_AA A 7  ? A 19 ? A 15 ? A 3  ? 
1 A DC  15 1_555 A DC 3  1_555 A DC 8  1_555 A DC 20 1_555 1.427  -2.289 -0.758 136.981  95.260   78.276  -0.967 -0.978 -0.585 
49.008  -70.473 169.808  2 AA_DC15DC8:DC20DC3_AA  A 15 ? A 3  ? A 8  ? A 20 ? 
1 A DC  8  1_555 A DC 20 1_555 A DC 14 1_555 A DC 2  1_555 1.961  -2.963 -0.197 -130.541 -117.759 -86.045 1.378  1.097  -0.520 
59.326  -65.765 -176.935 3 AA_DC8DC14:DC2DC20_AA  A 8  ? A 20 ? A 14 ? A 2  ? 
1 A DC  14 1_555 A DC 2  1_555 A DC 9  1_555 A DC 21 1_555 0.591  -2.826 -0.033 148.012  96.692   101.995 -1.343 -0.402 -0.687 
48.541  -74.305 177.984  4 AA_DC14DC9:DC21DC2_AA  A 14 ? A 2  ? A 9  ? A 21 ? 
1 A DC  9  1_555 A DC 21 1_555 A DC 13 1_555 A DC 1  1_555 -3.013 -2.594 -0.093 -115.292 130.109  -56.695 1.340  -1.471 -0.094 
-66.264 -58.718 -174.580 5 AA_DC9DC13:DC1DC21_AA  A 9  ? A 21 ? A 13 ? A 1  ? 
1 A DC  13 1_555 A DC 1  1_555 A DA 11 1_555 A DT 22 1_555 0.380  -5.548 -2.075 146.180  39.749   -26.991 3.018  -0.394 0.558  
-22.725 83.572  -152.291 6 AA_DC13DA11:DT22DC1_AA A 13 ? A 1  ? A 11 ? A 22 ? 
# 
loop_
_pdbx_nmr_spectrometer.spectrometer_id 
_pdbx_nmr_spectrometer.type 
_pdbx_nmr_spectrometer.manufacturer 
_pdbx_nmr_spectrometer.model 
_pdbx_nmr_spectrometer.field_strength 
1 ? Varian INOVA  500 
2 ? Bruker AVANCE 800 
# 
_atom_sites.entry_id                    1ELN 
_atom_sites.fract_transf_matrix[1][1]   1.000000 
_atom_sites.fract_transf_matrix[1][2]   0.000000 
_atom_sites.fract_transf_matrix[1][3]   0.000000 
_atom_sites.fract_transf_matrix[2][1]   0.000000 
_atom_sites.fract_transf_matrix[2][2]   1.000000 
_atom_sites.fract_transf_matrix[2][3]   0.000000 
_atom_sites.fract_transf_matrix[3][1]   0.000000 
_atom_sites.fract_transf_matrix[3][2]   0.000000 
_atom_sites.fract_transf_matrix[3][3]   1.000000 
_atom_sites.fract_transf_vector[1]      0.00000 
_atom_sites.fract_transf_vector[2]      0.00000 
_atom_sites.fract_transf_vector[3]      0.00000 
# 
loop_
_atom_type.symbol 
C 
H 
N 
O 
P 
# 
loop_
_atom_site.group_PDB 
_atom_site.id 
_atom_site.type_symbol 
_atom_site.label_atom_id 
_atom_site.label_alt_id 
_atom_site.label_comp_id 
_atom_site.label_asym_id 
_atom_site.label_entity_id 
_atom_site.label_seq_id 
_atom_site.pdbx_PDB_ins_code 
_atom_site.Cartn_x 
_atom_site.Cartn_y 
_atom_site.Cartn_z 
_atom_site.occupancy 
_atom_site.B_iso_or_equiv 
_atom_site.pdbx_formal_charge 
_atom_site.auth_seq_id 
_atom_site.auth_comp_id 
_atom_site.auth_asym_id 
_atom_site.auth_atom_id 
_atom_site.pdbx_PDB_model_num 
ATOM   1   O "O5'"  . DC  A 1 1  ? -0.546  9.539   9.445   1.00 0.00 ? 1  DC  A "O5'"  1 
ATOM   2   C "C5'"  . DC  A 1 1  ? -1.059  9.058   8.200   1.00 0.00 ? 1  DC  A "C5'"  1 
ATOM   3   C "C4'"  . DC  A 1 1  ? -1.746  7.703   8.368   1.00 0.00 ? 1  DC  A "C4'"  1 
ATOM   4   O "O4'"  . DC  A 1 1  ? -3.065  7.727   7.784   1.00 0.00 ? 1  DC  A "O4'"  1 
ATOM   5   C "C3'"  . DC  A 1 1  ? -0.948  6.592   7.698   1.00 0.00 ? 1  DC  A "C3'"  1 
ATOM   6   O "O3'"  . DC  A 1 1  ? -0.372  5.716   8.674   1.00 0.00 ? 1  DC  A "O3'"  1 
ATOM   7   C "C2'"  . DC  A 1 1  ? -1.924  5.854   6.820   1.00 0.00 ? 1  DC  A "C2'"  1 
ATOM   8   C "C1'"  . DC  A 1 1  ? -3.232  6.627   6.864   1.00 0.00 ? 1  DC  A "C1'"  1 
ATOM   9   N N1     . DC  A 1 1  ? -3.590  7.125   5.522   1.00 0.00 ? 1  DC  A N1     1 
ATOM   10  C C2     . DC  A 1 1  ? -4.708  6.568   4.906   1.00 0.00 ? 1  DC  A C2     1 
ATOM   11  O O2     . DC  A 1 1  ? -5.399  5.706   5.444   1.00 0.00 ? 1  DC  A O2     1 
ATOM   12  N N3     . DC  A 1 1  ? -5.001  7.050   3.647   1.00 0.00 ? 1  DC  A N3     1 
ATOM   13  C C4     . DC  A 1 1  ? -4.256  8.012   3.028   1.00 0.00 ? 1  DC  A C4     1 
ATOM   14  N N4     . DC  A 1 1  ? -4.623  8.395   1.806   1.00 0.00 ? 1  DC  A N4     1 
ATOM   15  C C5     . DC  A 1 1  ? -3.121  8.568   3.681   1.00 0.00 ? 1  DC  A C5     1 
ATOM   16  C C6     . DC  A 1 1  ? -2.826  8.098   4.918   1.00 0.00 ? 1  DC  A C6     1 
ATOM   17  H H3     . DC  A 1 1  ? -5.809  6.662   3.182   1.00 0.00 ? 1  DC  A H3     1 
ATOM   18  H "H5'"  . DC  A 1 1  ? -0.237  8.961   7.491   1.00 0.00 ? 1  DC  A "H5'"  1 
ATOM   19  H "H5''" . DC  A 1 1  ? -1.781  9.776   7.812   1.00 0.00 ? 1  DC  A "H5''" 1 
ATOM   20  H "H4'"  . DC  A 1 1  ? -1.835  7.483   9.430   1.00 0.00 ? 1  DC  A "H4'"  1 
ATOM   21  H "H3'"  . DC  A 1 1  ? -0.162  7.027   7.078   1.00 0.00 ? 1  DC  A "H3'"  1 
ATOM   22  H "H2'"  . DC  A 1 1  ? -1.548  5.813   5.797   1.00 0.00 ? 1  DC  A "H2'"  1 
ATOM   23  H "H2''" . DC  A 1 1  ? -2.076  4.844   7.200   1.00 0.00 ? 1  DC  A "H2''" 1 
ATOM   24  H "H1'"  . DC  A 1 1  ? -4.025  5.975   7.224   1.00 0.00 ? 1  DC  A "H1'"  1 
ATOM   25  H H41    . DC  A 1 1  ? -5.433  7.980   1.371   1.00 0.00 ? 1  DC  A H41    1 
ATOM   26  H H42    . DC  A 1 1  ? -4.091  9.101   1.316   1.00 0.00 ? 1  DC  A H42    1 
ATOM   27  H H5     . DC  A 1 1  ? -2.516  9.341   3.209   1.00 0.00 ? 1  DC  A H5     1 
ATOM   28  H H6     . DC  A 1 1  ? -1.966  8.496   5.450   1.00 0.00 ? 1  DC  A H6     1 
ATOM   29  H "HO5'" . DC  A 1 1  ? -1.154  9.258   10.132  1.00 0.00 ? 1  DC  A "HO5'" 1 
ATOM   30  P P      . DC  A 1 2  ? 1.182   5.295   8.586   1.00 0.00 ? 2  DC  A P      1 
ATOM   31  O OP1    . DC  A 1 2  ? 1.679   5.074   9.963   1.00 0.00 ? 2  DC  A OP1    1 
ATOM   32  O OP2    . DC  A 1 2  ? 1.876   6.255   7.698   1.00 0.00 ? 2  DC  A OP2    1 
ATOM   33  O "O5'"  . DC  A 1 2  ? 1.118   3.872   7.836   1.00 0.00 ? 2  DC  A "O5'"  1 
ATOM   34  C "C5'"  . DC  A 1 2  ? 0.737   2.691   8.549   1.00 0.00 ? 2  DC  A "C5'"  1 
ATOM   35  C "C4'"  . DC  A 1 2  ? 0.686   1.471   7.634   1.00 0.00 ? 2  DC  A "C4'"  1 
ATOM   36  O "O4'"  . DC  A 1 2  ? -0.190  1.692   6.521   1.00 0.00 ? 2  DC  A "O4'"  1 
ATOM   37  C "C3'"  . DC  A 1 2  ? 2.059   1.129   7.081   1.00 0.00 ? 2  DC  A "C3'"  1 
ATOM   38  O "O3'"  . DC  A 1 2  ? 2.646   0.036   7.796   1.00 0.00 ? 2  DC  A "O3'"  1 
ATOM   39  C "C2'"  . DC  A 1 2  ? 1.826   0.771   5.637   1.00 0.00 ? 2  DC  A "C2'"  1 
ATOM   40  C "C1'"  . DC  A 1 2  ? 0.355   1.050   5.358   1.00 0.00 ? 2  DC  A "C1'"  1 
ATOM   41  N N1     . DC  A 1 2  ? 0.199   1.898   4.166   1.00 0.00 ? 2  DC  A N1     1 
ATOM   42  C C2     . DC  A 1 2  ? -0.668  1.463   3.166   1.00 0.00 ? 2  DC  A C2     1 
ATOM   43  O O2     . DC  A 1 2  ? -1.331  0.431   3.264   1.00 0.00 ? 2  DC  A O2     1 
ATOM   44  N N3     . DC  A 1 2  ? -0.754  2.277   2.055   1.00 0.00 ? 2  DC  A N3     1 
ATOM   45  C C4     . DC  A 1 2  ? -0.047  3.439   1.927   1.00 0.00 ? 2  DC  A C4     1 
ATOM   46  N N4     . DC  A 1 2  ? -0.198  4.137   0.802   1.00 0.00 ? 2  DC  A N4     1 
ATOM   47  C C5     . DC  A 1 2  ? 0.826   3.863   2.969   1.00 0.00 ? 2  DC  A C5     1 
ATOM   48  C C6     . DC  A 1 2  ? 0.917   3.066   4.063   1.00 0.00 ? 2  DC  A C6     1 
ATOM   49  H H3     . DC  A 1 2  ? -1.373  1.981   1.316   1.00 0.00 ? 2  DC  A H3     1 
ATOM   50  H "H5'"  . DC  A 1 2  ? -0.249  2.845   8.991   1.00 0.00 ? 2  DC  A "H5'"  1 
ATOM   51  H "H5''" . DC  A 1 2  ? 1.458   2.508   9.346   1.00 0.00 ? 2  DC  A "H5''" 1 
ATOM   52  H "H4'"  . DC  A 1 2  ? 0.315   0.618   8.193   1.00 0.00 ? 2  DC  A "H4'"  1 
ATOM   53  H "H3'"  . DC  A 1 2  ? 2.705   2.010   7.136   1.00 0.00 ? 2  DC  A "H3'"  1 
ATOM   54  H "H2'"  . DC  A 1 2  ? 2.454   1.388   4.995   1.00 0.00 ? 2  DC  A "H2'"  1 
ATOM   55  H "H2''" . DC  A 1 2  ? 2.049   -0.281  5.473   1.00 0.00 ? 2  DC  A "H2''" 1 
ATOM   56  H "H1'"  . DC  A 1 2  ? -0.162  0.111   5.207   1.00 0.00 ? 2  DC  A "H1'"  1 
ATOM   57  H H41    . DC  A 1 2  ? -0.827  3.806   0.085   1.00 0.00 ? 2  DC  A H41    1 
ATOM   58  H H42    . DC  A 1 2  ? 0.317   4.996   0.666   1.00 0.00 ? 2  DC  A H42    1 
ATOM   59  H H5     . DC  A 1 2  ? 1.397   4.788   2.891   1.00 0.00 ? 2  DC  A H5     1 
ATOM   60  H H6     . DC  A 1 2  ? 1.571   3.353   4.887   1.00 0.00 ? 2  DC  A H6     1 
ATOM   61  P P      . DC  A 1 3  ? 4.247   -0.103  7.926   1.00 0.00 ? 3  DC  A P      1 
ATOM   62  O OP1    . DC  A 1 3  ? 4.598   -0.072  9.364   1.00 0.00 ? 3  DC  A OP1    1 
ATOM   63  O OP2    . DC  A 1 3  ? 4.878   0.859   6.993   1.00 0.00 ? 3  DC  A OP2    1 
ATOM   64  O "O5'"  . DC  A 1 3  ? 4.519   -1.591  7.373   1.00 0.00 ? 3  DC  A "O5'"  1 
ATOM   65  C "C5'"  . DC  A 1 3  ? 3.831   -2.717  7.929   1.00 0.00 ? 3  DC  A "C5'"  1 
ATOM   66  C "C4'"  . DC  A 1 3  ? 3.669   -3.836  6.904   1.00 0.00 ? 3  DC  A "C4'"  1 
ATOM   67  O "O4'"  . DC  A 1 3  ? 3.148   -3.325  5.664   1.00 0.00 ? 3  DC  A "O4'"  1 
ATOM   68  C "C3'"  . DC  A 1 3  ? 5.002   -4.511  6.612   1.00 0.00 ? 3  DC  A "C3'"  1 
ATOM   69  O "O3'"  . DC  A 1 3  ? 5.063   -5.816  7.203   1.00 0.00 ? 3  DC  A "O3'"  1 
ATOM   70  C "C2'"  . DC  A 1 3  ? 5.092   -4.594  5.112   1.00 0.00 ? 3  DC  A "C2'"  1 
ATOM   71  C "C1'"  . DC  A 1 3  ? 3.827   -3.952  4.564   1.00 0.00 ? 3  DC  A "C1'"  1 
ATOM   72  N N1     . DC  A 1 3  ? 4.133   -2.969  3.499   1.00 0.00 ? 3  DC  A N1     1 
ATOM   73  C C2     . DC  A 1 3  ? 3.527   -3.173  2.264   1.00 0.00 ? 3  DC  A C2     1 
ATOM   74  O O2     . DC  A 1 3  ? 2.782   -4.126  2.052   1.00 0.00 ? 3  DC  A O2     1 
ATOM   75  N N3     . DC  A 1 3  ? 3.807   -2.238  1.289   1.00 0.00 ? 3  DC  A N3     1 
ATOM   76  C C4     . DC  A 1 3  ? 4.625   -1.169  1.496   1.00 0.00 ? 3  DC  A C4     1 
ATOM   77  N N4     . DC  A 1 3  ? 4.811   -0.322  0.477   1.00 0.00 ? 3  DC  A N4     1 
ATOM   78  C C5     . DC  A 1 3  ? 5.241   -0.978  2.768   1.00 0.00 ? 3  DC  A C5     1 
ATOM   79  C C6     . DC  A 1 3  ? 4.970   -1.895  3.737   1.00 0.00 ? 3  DC  A C6     1 
ATOM   80  H H3     . DC  A 1 3  ? 3.380   -2.372  0.388   1.00 0.00 ? 3  DC  A H3     1 
ATOM   81  H "H5'"  . DC  A 1 3  ? 2.844   -2.401  8.267   1.00 0.00 ? 3  DC  A "H5'"  1 
ATOM   82  H "H5''" . DC  A 1 3  ? 4.396   -3.093  8.782   1.00 0.00 ? 3  DC  A "H5''" 1 
ATOM   83  H "H4'"  . DC  A 1 3  ? 2.976   -4.581  7.288   1.00 0.00 ? 3  DC  A "H4'"  1 
ATOM   84  H "H3'"  . DC  A 1 3  ? 5.817   -3.889  6.989   1.00 0.00 ? 3  DC  A "H3'"  1 
ATOM   85  H "H2'"  . DC  A 1 3  ? 5.969   -4.052  4.766   1.00 0.00 ? 3  DC  A "H2'"  1 
ATOM   86  H "H2''" . DC  A 1 3  ? 5.150   -5.637  4.796   1.00 0.00 ? 3  DC  A "H2''" 1 
ATOM   87  H "H1'"  . DC  A 1 3  ? 3.180   -4.731  4.157   1.00 0.00 ? 3  DC  A "H1'"  1 
ATOM   88  H H41    . DC  A 1 3  ? 4.353   -0.491  -0.415  1.00 0.00 ? 3  DC  A H41    1 
ATOM   89  H H42    . DC  A 1 3  ? 5.407   0.485   0.592   1.00 0.00 ? 3  DC  A H42    1 
ATOM   90  H H5     . DC  A 1 3  ? 5.903   -0.131  2.958   1.00 0.00 ? 3  DC  A H5     1 
ATOM   91  H H6     . DC  A 1 3  ? 5.423   -1.780  4.724   1.00 0.00 ? 3  DC  A H6     1 
ATOM   92  P P      . DT  A 1 4  ? 6.454   -6.399  7.772   1.00 0.00 ? 4  DT  A P      1 
ATOM   93  O OP1    . DT  A 1 4  ? 6.166   -7.662  8.490   1.00 0.00 ? 4  DT  A OP1    1 
ATOM   94  O OP2    . DT  A 1 4  ? 7.168   -5.304  8.465   1.00 0.00 ? 4  DT  A OP2    1 
ATOM   95  O "O5'"  . DT  A 1 4  ? 7.266   -6.761  6.428   1.00 0.00 ? 4  DT  A "O5'"  1 
ATOM   96  C "C5'"  . DT  A 1 4  ? 8.577   -7.339  6.496   1.00 0.00 ? 4  DT  A "C5'"  1 
ATOM   97  C "C4'"  . DT  A 1 4  ? 9.406   -7.038  5.244   1.00 0.00 ? 4  DT  A "C4'"  1 
ATOM   98  O "O4'"  . DT  A 1 4  ? 9.816   -8.264  4.600   1.00 0.00 ? 4  DT  A "O4'"  1 
ATOM   99  C "C3'"  . DT  A 1 4  ? 8.609   -6.218  4.242   1.00 0.00 ? 4  DT  A "C3'"  1 
ATOM   100 O "O3'"  . DT  A 1 4  ? 9.295   -4.999  3.932   1.00 0.00 ? 4  DT  A "O3'"  1 
ATOM   101 C "C2'"  . DT  A 1 4  ? 8.459   -7.089  3.019   1.00 0.00 ? 4  DT  A "C2'"  1 
ATOM   102 C "C1'"  . DT  A 1 4  ? 9.187   -8.396  3.306   1.00 0.00 ? 4  DT  A "C1'"  1 
ATOM   103 N N1     . DT  A 1 4  ? 8.244   -9.548  3.267   1.00 0.00 ? 4  DT  A N1     1 
ATOM   104 C C2     . DT  A 1 4  ? 8.279   -10.485 4.295   1.00 0.00 ? 4  DT  A C2     1 
ATOM   105 O O2     . DT  A 1 4  ? 9.091   -10.437 5.217   1.00 0.00 ? 4  DT  A O2     1 
ATOM   106 N N3     . DT  A 1 4  ? 7.344   -11.497 4.217   1.00 0.00 ? 4  DT  A N3     1 
ATOM   107 C C4     . DT  A 1 4  ? 6.397   -11.666 3.244   1.00 0.00 ? 4  DT  A C4     1 
ATOM   108 O O4     . DT  A 1 4  ? 5.610   -12.610 3.292   1.00 0.00 ? 4  DT  A O4     1 
ATOM   109 C C5     . DT  A 1 4  ? 6.429   -10.662 2.223   1.00 0.00 ? 4  DT  A C5     1 
ATOM   110 C C7     . DT  A 1 4  ? 5.384   -10.718 1.127   1.00 0.00 ? 4  DT  A C7     1 
ATOM   111 C C6     . DT  A 1 4  ? 7.333   -9.659  2.254   1.00 0.00 ? 4  DT  A C6     1 
ATOM   112 H "H5'"  . DT  A 1 4  ? 8.482   -8.420  6.606   1.00 0.00 ? 4  DT  A "H5'"  1 
ATOM   113 H "H5''" . DT  A 1 4  ? 9.096   -6.940  7.368   1.00 0.00 ? 4  DT  A "H5''" 1 
ATOM   114 H "H4'"  . DT  A 1 4  ? 10.295  -6.478  5.534   1.00 0.00 ? 4  DT  A "H4'"  1 
ATOM   115 H "H3'"  . DT  A 1 4  ? 7.622   -5.996  4.653   1.00 0.00 ? 4  DT  A "H3'"  1 
ATOM   116 H "H2'"  . DT  A 1 4  ? 7.404   -7.282  2.831   1.00 0.00 ? 4  DT  A "H2'"  1 
ATOM   117 H "H2''" . DT  A 1 4  ? 8.907   -6.598  2.155   1.00 0.00 ? 4  DT  A "H2''" 1 
ATOM   118 H "H1'"  . DT  A 1 4  ? 9.955   -8.543  2.548   1.00 0.00 ? 4  DT  A "H1'"  1 
ATOM   119 H H3     . DT  A 1 4  ? 7.363   -12.184 4.935   1.00 0.00 ? 4  DT  A H3     1 
ATOM   120 H H71    . DT  A 1 4  ? 5.543   -9.904  0.422   1.00 0.00 ? 4  DT  A H71    1 
ATOM   121 H H72    . DT  A 1 4  ? 4.402   -10.623 1.573   1.00 0.00 ? 4  DT  A H72    1 
ATOM   122 H H73    . DT  A 1 4  ? 5.452   -11.673 0.614   1.00 0.00 ? 4  DT  A H73    1 
ATOM   123 H H6     . DT  A 1 4  ? 7.371   -8.949  1.436   1.00 0.00 ? 4  DT  A H6     1 
ATOM   124 P P      . DA  A 1 5  ? 8.646   -3.914  2.932   1.00 0.00 ? 5  DA  A P      1 
ATOM   125 O OP1    . DA  A 1 5  ? 9.298   -2.609  3.180   1.00 0.00 ? 5  DA  A OP1    1 
ATOM   126 O OP2    . DA  A 1 5  ? 7.173   -4.029  3.007   1.00 0.00 ? 5  DA  A OP2    1 
ATOM   127 O "O5'"  . DA  A 1 5  ? 9.121   -4.450  1.490   1.00 0.00 ? 5  DA  A "O5'"  1 
ATOM   128 C "C5'"  . DA  A 1 5  ? 10.509  -4.566  1.173   1.00 0.00 ? 5  DA  A "C5'"  1 
ATOM   129 C "C4'"  . DA  A 1 5  ? 10.727  -5.346  -0.121  1.00 0.00 ? 5  DA  A "C4'"  1 
ATOM   130 O "O4'"  . DA  A 1 5  ? 10.159  -6.674  -0.029  1.00 0.00 ? 5  DA  A "O4'"  1 
ATOM   131 C "C3'"  . DA  A 1 5  ? 10.066  -4.646  -1.315  1.00 0.00 ? 5  DA  A "C3'"  1 
ATOM   132 O "O3'"  . DA  A 1 5  ? 11.031  -4.122  -2.235  1.00 0.00 ? 5  DA  A "O3'"  1 
ATOM   133 C "C2'"  . DA  A 1 5  ? 9.240   -5.701  -1.987  1.00 0.00 ? 5  DA  A "C2'"  1 
ATOM   134 C "C1'"  . DA  A 1 5  ? 9.592   -7.010  -1.304  1.00 0.00 ? 5  DA  A "C1'"  1 
ATOM   135 N N9     . DA  A 1 5  ? 8.419   -7.905  -1.207  1.00 0.00 ? 5  DA  A N9     1 
ATOM   136 C C8     . DA  A 1 5  ? 7.146   -7.704  -1.647  1.00 0.00 ? 5  DA  A C8     1 
ATOM   137 N N7     . DA  A 1 5  ? 6.374   -8.734  -1.734  1.00 0.00 ? 5  DA  A N7     1 
ATOM   138 C C5     . DA  A 1 5  ? 7.211   -9.756  -1.279  1.00 0.00 ? 5  DA  A C5     1 
ATOM   139 C C6     . DA  A 1 5  ? 7.021   -11.134 -1.113  1.00 0.00 ? 5  DA  A C6     1 
ATOM   140 N N6     . DA  A 1 5  ? 5.902   -11.768 -1.468  1.00 0.00 ? 5  DA  A N6     1 
ATOM   141 N N1     . DA  A 1 5  ? 8.044   -11.846 -0.616  1.00 0.00 ? 5  DA  A N1     1 
ATOM   142 C C2     . DA  A 1 5  ? 9.196   -11.252 -0.312  1.00 0.00 ? 5  DA  A C2     1 
ATOM   143 N N3     . DA  A 1 5  ? 9.495   -9.961  -0.448  1.00 0.00 ? 5  DA  A N3     1 
ATOM   144 C C4     . DA  A 1 5  ? 8.449   -9.262  -0.942  1.00 0.00 ? 5  DA  A C4     1 
ATOM   145 H "H5'"  . DA  A 1 5  ? 11.018  -5.081  1.986   1.00 0.00 ? 5  DA  A "H5'"  1 
ATOM   146 H "H5''" . DA  A 1 5  ? 10.934  -3.568  1.062   1.00 0.00 ? 5  DA  A "H5''" 1 
ATOM   147 H "H4'"  . DA  A 1 5  ? 11.797  -5.432  -0.307  1.00 0.00 ? 5  DA  A "H4'"  1 
ATOM   148 H "H3'"  . DA  A 1 5  ? 9.417   -3.845  -0.958  1.00 0.00 ? 5  DA  A "H3'"  1 
ATOM   149 H "H2'"  . DA  A 1 5  ? 8.186   -5.475  -1.855  1.00 0.00 ? 5  DA  A "H2'"  1 
ATOM   150 H "H2''" . DA  A 1 5  ? 9.485   -5.752  -3.047  1.00 0.00 ? 5  DA  A "H2''" 1 
ATOM   151 H "H1'"  . DA  A 1 5  ? 10.359  -7.509  -1.897  1.00 0.00 ? 5  DA  A "H1'"  1 
ATOM   152 H H8     . DA  A 1 5  ? 6.770   -6.697  -1.848  1.00 0.00 ? 5  DA  A H8     1 
ATOM   153 H H61    . DA  A 1 5  ? 5.820   -12.764 -1.322  1.00 0.00 ? 5  DA  A H61    1 
ATOM   154 H H62    . DA  A 1 5  ? 5.136   -11.256 -1.880  1.00 0.00 ? 5  DA  A H62    1 
ATOM   155 H H2     . DA  A 1 5  ? 9.958   -11.886 0.146   1.00 0.00 ? 5  DA  A H2     1 
ATOM   156 P P      . DA  A 1 6  ? 12.178  -3.106  -1.731  1.00 0.00 ? 6  DA  A P      1 
ATOM   157 O OP1    . DA  A 1 6  ? 13.280  -3.908  -1.149  1.00 0.00 ? 6  DA  A OP1    1 
ATOM   158 O OP2    . DA  A 1 6  ? 11.535  -2.047  -0.921  1.00 0.00 ? 6  DA  A OP2    1 
ATOM   159 O "O5'"  . DA  A 1 6  ? 12.704  -2.444  -3.104  1.00 0.00 ? 6  DA  A "O5'"  1 
ATOM   160 C "C5'"  . DA  A 1 6  ? 13.644  -1.364  -3.079  1.00 0.00 ? 6  DA  A "C5'"  1 
ATOM   161 C "C4'"  . DA  A 1 6  ? 13.052  -0.081  -3.658  1.00 0.00 ? 6  DA  A "C4'"  1 
ATOM   162 O "O4'"  . DA  A 1 6  ? 12.919  -0.193  -5.095  1.00 0.00 ? 6  DA  A "O4'"  1 
ATOM   163 C "C3'"  . DA  A 1 6  ? 11.677  0.187   -3.066  1.00 0.00 ? 6  DA  A "C3'"  1 
ATOM   164 O "O3'"  . DA  A 1 6  ? 11.605  1.528   -2.559  1.00 0.00 ? 6  DA  A "O3'"  1 
ATOM   165 C "C2'"  . DA  A 1 6  ? 10.696  -0.024  -4.194  1.00 0.00 ? 6  DA  A "C2'"  1 
ATOM   166 C "C1'"  . DA  A 1 6  ? 11.528  -0.240  -5.466  1.00 0.00 ? 6  DA  A "C1'"  1 
ATOM   167 N N9     . DA  A 1 6  ? 11.194  -1.517  -6.194  1.00 0.00 ? 6  DA  A N9     1 
ATOM   168 C C8     . DA  A 1 6  ? 11.129  -2.806  -5.787  1.00 0.00 ? 6  DA  A C8     1 
ATOM   169 N N7     . DA  A 1 6  ? 10.805  -3.711  -6.688  1.00 0.00 ? 6  DA  A N7     1 
ATOM   170 C C5     . DA  A 1 6  ? 10.635  -2.908  -7.849  1.00 0.00 ? 6  DA  A C5     1 
ATOM   171 C C6     . DA  A 1 6  ? 10.297  -3.147  -9.229  1.00 0.00 ? 6  DA  A C6     1 
ATOM   172 N N6     . DA  A 1 6  ? 10.193  -4.362  -9.822  1.00 0.00 ? 6  DA  A N6     1 
ATOM   173 N N1     . DA  A 1 6  ? 10.239  -2.069  -10.038 1.00 0.00 ? 6  DA  A N1     1 
ATOM   174 C C2     . DA  A 1 6  ? 10.498  -0.869  -9.587  1.00 0.00 ? 6  DA  A C2     1 
ATOM   175 N N3     . DA  A 1 6  ? 10.825  -0.524  -8.350  1.00 0.00 ? 6  DA  A N3     1 
ATOM   176 C C4     . DA  A 1 6  ? 10.872  -1.588  -7.532  1.00 0.00 ? 6  DA  A C4     1 
ATOM   177 H "H5'"  . DA  A 1 6  ? 14.523  -1.643  -3.662  1.00 0.00 ? 6  DA  A "H5'"  1 
ATOM   178 H "H5''" . DA  A 1 6  ? 13.947  -1.176  -2.050  1.00 0.00 ? 6  DA  A "H5''" 1 
ATOM   179 H "H4'"  . DA  A 1 6  ? 13.710  0.759   -3.415  1.00 0.00 ? 6  DA  A "H4'"  1 
ATOM   180 H "H3'"  . DA  A 1 6  ? 11.475  -0.527  -2.265  1.00 0.00 ? 6  DA  A "H3'"  1 
ATOM   181 H "H2'"  . DA  A 1 6  ? 10.065  -0.894  -3.990  1.00 0.00 ? 6  DA  A "H2'"  1 
ATOM   182 H "H2''" . DA  A 1 6  ? 10.075  0.863   -4.306  1.00 0.00 ? 6  DA  A "H2''" 1 
ATOM   183 H "H1'"  . DA  A 1 6  ? 11.335  0.588   -6.153  1.00 0.00 ? 6  DA  A "H1'"  1 
ATOM   184 H H8     . DA  A 1 6  ? 11.303  -3.081  -4.737  1.00 0.00 ? 6  DA  A H8     1 
ATOM   185 H H61    . DA  A 1 6  ? 9.939   -4.413  -10.805 1.00 0.00 ? 6  DA  A H61    1 
ATOM   186 H H62    . DA  A 1 6  ? 10.464  -5.204  -9.331  1.00 0.00 ? 6  DA  A H62    1 
ATOM   187 H H2     . DA  A 1 6  ? 10.450  -0.069  -10.320 1.00 0.00 ? 6  DA  A H2     1 
HETATM 188 N N1     . 5CM A 1 7  ? 6.657   -0.518  -2.650  1.00 0.00 ? 7  5CM A N1     1 
HETATM 189 C C2     . 5CM A 1 7  ? 5.934   -1.684  -2.796  1.00 0.00 ? 7  5CM A C2     1 
HETATM 190 N N3     . 5CM A 1 7  ? 6.167   -2.677  -1.912  1.00 0.00 ? 7  5CM A N3     1 
HETATM 191 C C4     . 5CM A 1 7  ? 7.066   -2.558  -0.927  1.00 0.00 ? 7  5CM A C4     1 
HETATM 192 C C5     . 5CM A 1 7  ? 7.778   -1.415  -0.793  1.00 0.00 ? 7  5CM A C5     1 
HETATM 193 C C5A    . 5CM A 1 7  ? 8.809   -1.272  0.322   1.00 0.00 ? 7  5CM A C5A    1 
HETATM 194 C C6     . 5CM A 1 7  ? 7.572   -0.400  -1.651  1.00 0.00 ? 7  5CM A C6     1 
HETATM 195 O O2     . 5CM A 1 7  ? 5.136   -1.828  -3.718  1.00 0.00 ? 7  5CM A O2     1 
HETATM 196 N N4     . 5CM A 1 7  ? 7.256   -3.590  -0.099  1.00 0.00 ? 7  5CM A N4     1 
HETATM 197 C "C1'"  . 5CM A 1 7  ? 6.397   0.593   -3.595  1.00 0.00 ? 7  5CM A "C1'"  1 
HETATM 198 C "C2'"  . 5CM A 1 7  ? 5.582   1.692   -2.928  1.00 0.00 ? 7  5CM A "C2'"  1 
HETATM 199 C "C3'"  . 5CM A 1 7  ? 6.436   2.933   -2.928  1.00 0.00 ? 7  5CM A "C3'"  1 
HETATM 200 C "C4'"  . 5CM A 1 7  ? 7.678   2.589   -3.737  1.00 0.00 ? 7  5CM A "C4'"  1 
HETATM 201 O "O4'"  . 5CM A 1 7  ? 7.637   1.178   -4.051  1.00 0.00 ? 7  5CM A "O4'"  1 
HETATM 202 O "O3'"  . 5CM A 1 7  ? 5.735   4.038   -3.510  1.00 0.00 ? 7  5CM A "O3'"  1 
HETATM 203 C "C5'"  . 5CM A 1 7  ? 8.947   2.939   -2.963  1.00 0.00 ? 7  5CM A "C5'"  1 
HETATM 204 O "O5'"  . 5CM A 1 7  ? 9.221   1.984   -1.931  1.00 0.00 ? 7  5CM A "O5'"  1 
HETATM 205 P P      . 5CM A 1 7  ? 10.689  1.882   -1.278  1.00 0.00 ? 7  5CM A P      1 
HETATM 206 O OP1    . 5CM A 1 7  ? 11.072  3.224   -0.782  1.00 0.00 ? 7  5CM A OP1    1 
HETATM 207 O OP2    . 5CM A 1 7  ? 10.710  0.725   -0.356  1.00 0.00 ? 7  5CM A OP2    1 
HETATM 208 H H5A1   . 5CM A 1 7  ? 9.252   -0.277  0.284   1.00 0.00 ? 7  5CM A H5A1   1 
HETATM 209 H H5A2   . 5CM A 1 7  ? 9.590   -2.021  0.193   1.00 0.00 ? 7  5CM A H5A2   1 
HETATM 210 H H5A3   . 5CM A 1 7  ? 8.323   -1.416  1.287   1.00 0.00 ? 7  5CM A H5A3   1 
HETATM 211 H H6     . 5CM A 1 7  ? 8.140   0.524   -1.543  1.00 0.00 ? 7  5CM A H6     1 
HETATM 212 H HN41   . 5CM A 1 7  ? 6.705   -4.445  -0.212  1.00 0.00 ? 7  5CM A HN41   1 
HETATM 213 H HN42   . 5CM A 1 7  ? 7.955   -3.534  0.624   1.00 0.00 ? 7  5CM A HN42   1 
HETATM 214 H "H1'"  . 5CM A 1 7  ? 5.846   0.209   -4.453  1.00 0.00 ? 7  5CM A "H1'"  1 
HETATM 215 H "H2'"  . 5CM A 1 7  ? 5.335   1.411   -1.904  1.00 0.00 ? 7  5CM A "H2'"  1 
HETATM 216 H "H2''" . 5CM A 1 7  ? 4.668   1.871   -3.494  1.00 0.00 ? 7  5CM A "H2''" 1 
HETATM 217 H "H3'"  . 5CM A 1 7  ? 6.725   3.173   -1.902  1.00 0.00 ? 7  5CM A "H3'"  1 
HETATM 218 H "H4'"  . 5CM A 1 7  ? 7.663   3.157   -4.667  1.00 0.00 ? 7  5CM A "H4'"  1 
HETATM 219 H "H5'"  . 5CM A 1 7  ? 9.789   2.967   -3.657  1.00 0.00 ? 7  5CM A "H5'"  1 
HETATM 220 H "H5''" . 5CM A 1 7  ? 8.828   3.923   -2.512  1.00 0.00 ? 7  5CM A "H5''" 1 
ATOM   221 P P      . DC  A 1 8  ? 5.056   5.166   -2.580  1.00 0.00 ? 8  DC  A P      1 
ATOM   222 O OP1    . DC  A 1 8  ? 5.571   6.488   -3.004  1.00 0.00 ? 8  DC  A OP1    1 
ATOM   223 O OP2    . DC  A 1 8  ? 5.182   4.744   -1.166  1.00 0.00 ? 8  DC  A OP2    1 
ATOM   224 O "O5'"  . DC  A 1 8  ? 3.503   5.075   -2.995  1.00 0.00 ? 8  DC  A "O5'"  1 
ATOM   225 C "C5'"  . DC  A 1 8  ? 3.118   5.017   -4.371  1.00 0.00 ? 8  DC  A "C5'"  1 
ATOM   226 C "C4'"  . DC  A 1 8  ? 1.742   4.380   -4.546  1.00 0.00 ? 8  DC  A "C4'"  1 
ATOM   227 O "O4'"  . DC  A 1 8  ? 1.757   2.997   -4.122  1.00 0.00 ? 8  DC  A "O4'"  1 
ATOM   228 C "C3'"  . DC  A 1 8  ? 0.695   5.114   -3.720  1.00 0.00 ? 8  DC  A "C3'"  1 
ATOM   229 O "O3'"  . DC  A 1 8  ? -0.157  5.912   -4.551  1.00 0.00 ? 8  DC  A "O3'"  1 
ATOM   230 C "C2'"  . DC  A 1 8  ? -0.087  4.045   -3.007  1.00 0.00 ? 8  DC  A "C2'"  1 
ATOM   231 C "C1'"  . DC  A 1 8  ? 0.683   2.745   -3.190  1.00 0.00 ? 8  DC  A "C1'"  1 
ATOM   232 N N1     . DC  A 1 8  ? 1.209   2.274   -1.891  1.00 0.00 ? 8  DC  A N1     1 
ATOM   233 C C2     . DC  A 1 8  ? 0.684   1.100   -1.365  1.00 0.00 ? 8  DC  A C2     1 
ATOM   234 O O2     . DC  A 1 8  ? -0.167  0.461   -1.985  1.00 0.00 ? 8  DC  A O2     1 
ATOM   235 N N3     . DC  A 1 8  ? 1.138   0.679   -0.156  1.00 0.00 ? 8  DC  A N3     1 
ATOM   236 C C4     . DC  A 1 8  ? 2.065   1.373   0.515   1.00 0.00 ? 8  DC  A C4     1 
ATOM   237 N N4     . DC  A 1 8  ? 2.459   0.931   1.709   1.00 0.00 ? 8  DC  A N4     1 
ATOM   238 C C5     . DC  A 1 8  ? 2.614   2.578   -0.020  1.00 0.00 ? 8  DC  A C5     1 
ATOM   239 C C6     . DC  A 1 8  ? 2.161   2.990   -1.221  1.00 0.00 ? 8  DC  A C6     1 
ATOM   240 H "H5'"  . DC  A 1 8  ? 3.853   4.429   -4.924  1.00 0.00 ? 8  DC  A "H5'"  1 
ATOM   241 H "H5''" . DC  A 1 8  ? 3.095   6.029   -4.777  1.00 0.00 ? 8  DC  A "H5''" 1 
ATOM   242 H "H4'"  . DC  A 1 8  ? 1.461   4.424   -5.597  1.00 0.00 ? 8  DC  A "H4'"  1 
ATOM   243 H "H3'"  . DC  A 1 8  ? 1.196   5.745   -2.981  1.00 0.00 ? 8  DC  A "H3'"  1 
ATOM   244 H "H2'"  . DC  A 1 8  ? -0.168  4.285   -1.947  1.00 0.00 ? 8  DC  A "H2'"  1 
ATOM   245 H "H2''" . DC  A 1 8  ? -1.080  3.954   -3.446  1.00 0.00 ? 8  DC  A "H2''" 1 
ATOM   246 H "H1'"  . DC  A 1 8  ? 0.019   1.988   -3.605  1.00 0.00 ? 8  DC  A "H1'"  1 
ATOM   247 H H41    . DC  A 1 8  ? 2.070   0.080   2.076   1.00 0.00 ? 8  DC  A H41    1 
ATOM   248 H H42    . DC  A 1 8  ? 3.136   1.450   2.250   1.00 0.00 ? 8  DC  A H42    1 
ATOM   249 H H5     . DC  A 1 8  ? 3.371   3.144   0.522   1.00 0.00 ? 8  DC  A H5     1 
ATOM   250 H H6     . DC  A 1 8  ? 2.560   3.904   -1.664  1.00 0.00 ? 8  DC  A H6     1 
ATOM   251 P P      . DC  A 1 9  ? -0.305  7.496   -4.287  1.00 0.00 ? 9  DC  A P      1 
ATOM   252 O OP1    . DC  A 1 9  ? 0.832   8.181   -4.942  1.00 0.00 ? 9  DC  A OP1    1 
ATOM   253 O OP2    . DC  A 1 9  ? -0.557  7.702   -2.843  1.00 0.00 ? 9  DC  A OP2    1 
ATOM   254 O "O5'"  . DC  A 1 9  ? -1.650  7.868   -5.097  1.00 0.00 ? 9  DC  A "O5'"  1 
ATOM   255 C "C5'"  . DC  A 1 9  ? -2.691  8.635   -4.480  1.00 0.00 ? 9  DC  A "C5'"  1 
ATOM   256 C "C4'"  . DC  A 1 9  ? -3.854  7.749   -4.042  1.00 0.00 ? 9  DC  A "C4'"  1 
ATOM   257 O "O4'"  . DC  A 1 9  ? -3.387  6.626   -3.280  1.00 0.00 ? 9  DC  A "O4'"  1 
ATOM   258 C "C3'"  . DC  A 1 9  ? -4.842  8.514   -3.176  1.00 0.00 ? 9  DC  A "C3'"  1 
ATOM   259 O "O3'"  . DC  A 1 9  ? -5.955  8.985   -3.945  1.00 0.00 ? 9  DC  A "O3'"  1 
ATOM   260 C "C2'"  . DC  A 1 9  ? -5.280  7.529   -2.130  1.00 0.00 ? 9  DC  A "C2'"  1 
ATOM   261 C "C1'"  . DC  A 1 9  ? -4.268  6.395   -2.166  1.00 0.00 ? 9  DC  A "C1'"  1 
ATOM   262 N N1     . DC  A 1 9  ? -3.508  6.348   -0.903  1.00 0.00 ? 9  DC  A N1     1 
ATOM   263 C C2     . DC  A 1 9  ? -3.718  5.270   -0.055  1.00 0.00 ? 9  DC  A C2     1 
ATOM   264 O O2     . DC  A 1 9  ? -4.517  4.385   -0.358  1.00 0.00 ? 9  DC  A O2     1 
ATOM   265 N N3     . DC  A 1 9  ? -3.026  5.230   1.117   1.00 0.00 ? 9  DC  A N3     1 
ATOM   266 C C4     . DC  A 1 9  ? -2.161  6.201   1.441   1.00 0.00 ? 9  DC  A C4     1 
ATOM   267 N N4     . DC  A 1 9  ? -1.504  6.131   2.598   1.00 0.00 ? 9  DC  A N4     1 
ATOM   268 C C5     . DC  A 1 9  ? -1.942  7.312   0.570   1.00 0.00 ? 9  DC  A C5     1 
ATOM   269 C C6     . DC  A 1 9  ? -2.630  7.344   -0.586  1.00 0.00 ? 9  DC  A C6     1 
ATOM   270 H "H5'"  . DC  A 1 9  ? -3.056  9.375   -5.193  1.00 0.00 ? 9  DC  A "H5'"  1 
ATOM   271 H "H5''" . DC  A 1 9  ? -2.286  9.151   -3.609  1.00 0.00 ? 9  DC  A "H5''" 1 
ATOM   272 H "H4'"  . DC  A 1 9  ? -4.374  7.374   -4.918  1.00 0.00 ? 9  DC  A "H4'"  1 
ATOM   273 H "H3'"  . DC  A 1 9  ? -4.331  9.352   -2.694  1.00 0.00 ? 9  DC  A "H3'"  1 
ATOM   274 H "H2'"  . DC  A 1 9  ? -5.286  7.990   -1.148  1.00 0.00 ? 9  DC  A "H2'"  1 
ATOM   275 H "H2''" . DC  A 1 9  ? -6.274  7.157   -2.368  1.00 0.00 ? 9  DC  A "H2''" 1 
ATOM   276 H "H1'"  . DC  A 1 9  ? -4.786  5.458   -2.318  1.00 0.00 ? 9  DC  A "H1'"  1 
ATOM   277 H H41    . DC  A 1 9  ? -1.658  5.347   3.218   1.00 0.00 ? 9  DC  A H41    1 
ATOM   278 H H42    . DC  A 1 9  ? -0.852  6.857   2.856   1.00 0.00 ? 9  DC  A H42    1 
ATOM   279 H H5     . DC  A 1 9  ? -1.239  8.103   0.830   1.00 0.00 ? 9  DC  A H5     1 
ATOM   280 H H6     . DC  A 1 9  ? -2.495  8.181   -1.274  1.00 0.00 ? 9  DC  A H6     1 
ATOM   281 P P      . DT  A 1 10 ? -6.758  10.309  -3.500  1.00 0.00 ? 10 DT  A P      1 
ATOM   282 O OP1    . DT  A 1 10 ? -7.572  10.765  -4.648  1.00 0.00 ? 10 DT  A OP1    1 
ATOM   283 O OP2    . DT  A 1 10 ? -5.801  11.241  -2.860  1.00 0.00 ? 10 DT  A OP2    1 
ATOM   284 O "O5'"  . DT  A 1 10 ? -7.754  9.752   -2.362  1.00 0.00 ? 10 DT  A "O5'"  1 
ATOM   285 C "C5'"  . DT  A 1 10 ? -8.886  8.950   -2.711  1.00 0.00 ? 10 DT  A "C5'"  1 
ATOM   286 C "C4'"  . DT  A 1 10 ? -9.948  8.966   -1.616  1.00 0.00 ? 10 DT  A "C4'"  1 
ATOM   287 O "O4'"  . DT  A 1 10 ? -9.372  8.582   -0.348  1.00 0.00 ? 10 DT  A "O4'"  1 
ATOM   288 C "C3'"  . DT  A 1 10 ? -10.558 10.361  -1.468  1.00 0.00 ? 10 DT  A "C3'"  1 
ATOM   289 O "O3'"  . DT  A 1 10 ? -11.966 10.403  -1.792  1.00 0.00 ? 10 DT  A "O3'"  1 
ATOM   290 C "C2'"  . DT  A 1 10 ? -10.341 10.750  -0.027  1.00 0.00 ? 10 DT  A "C2'"  1 
ATOM   291 C "C1'"  . DT  A 1 10 ? -9.694  9.554   0.665   1.00 0.00 ? 10 DT  A "C1'"  1 
ATOM   292 N N1     . DT  A 1 10 ? -8.481  9.942   1.427   1.00 0.00 ? 10 DT  A N1     1 
ATOM   293 C C2     . DT  A 1 10 ? -8.343  9.426   2.706   1.00 0.00 ? 10 DT  A C2     1 
ATOM   294 O O2     . DT  A 1 10 ? -9.171  8.664   3.201   1.00 0.00 ? 10 DT  A O2     1 
ATOM   295 N N3     . DT  A 1 10 ? -7.208  9.810   3.397   1.00 0.00 ? 10 DT  A N3     1 
ATOM   296 C C4     . DT  A 1 10 ? -6.214  10.649  2.930   1.00 0.00 ? 10 DT  A C4     1 
ATOM   297 O O4     . DT  A 1 10 ? -5.246  10.927  3.636   1.00 0.00 ? 10 DT  A O4     1 
ATOM   298 C C5     . DT  A 1 10 ? -6.439  11.138  1.586   1.00 0.00 ? 10 DT  A C5     1 
ATOM   299 C C7     . DT  A 1 10 ? -5.415  12.072  0.946   1.00 0.00 ? 10 DT  A C7     1 
ATOM   300 C C6     . DT  A 1 10 ? -7.536  10.779  0.890   1.00 0.00 ? 10 DT  A C6     1 
ATOM   301 H "H5'"  . DT  A 1 10 ? -8.556  7.923   -2.871  1.00 0.00 ? 10 DT  A "H5'"  1 
ATOM   302 H "H5''" . DT  A 1 10 ? -9.323  9.330   -3.635  1.00 0.00 ? 10 DT  A "H5''" 1 
ATOM   303 H "H4'"  . DT  A 1 10 ? -10.727 8.256   -1.872  1.00 0.00 ? 10 DT  A "H4'"  1 
ATOM   304 H "H3'"  . DT  A 1 10 ? -10.019 11.058  -2.115  1.00 0.00 ? 10 DT  A "H3'"  1 
ATOM   305 H "H2'"  . DT  A 1 10 ? -9.686  11.618  0.030   1.00 0.00 ? 10 DT  A "H2'"  1 
ATOM   306 H "H2''" . DT  A 1 10 ? -11.296 10.977  0.441   1.00 0.00 ? 10 DT  A "H2''" 1 
ATOM   307 H "H1'"  . DT  A 1 10 ? -10.416 9.115   1.353   1.00 0.00 ? 10 DT  A "H1'"  1 
ATOM   308 H H3     . DT  A 1 10 ? -7.093  9.439   4.330   1.00 0.00 ? 10 DT  A H3     1 
ATOM   309 H H71    . DT  A 1 10 ? -4.701  12.402  1.700   1.00 0.00 ? 10 DT  A H71    1 
ATOM   310 H H72    . DT  A 1 10 ? -5.928  12.939  0.527   1.00 0.00 ? 10 DT  A H72    1 
ATOM   311 H H73    . DT  A 1 10 ? -4.888  11.545  0.151   1.00 0.00 ? 10 DT  A H73    1 
ATOM   312 H H6     . DT  A 1 10 ? -7.670  11.157  -0.122  1.00 0.00 ? 10 DT  A H6     1 
ATOM   313 P P      . DA  A 1 11 ? -12.933 9.109   -1.728  1.00 0.00 ? 11 DA  A P      1 
ATOM   314 O OP1    . DA  A 1 11 ? -12.390 8.073   -2.634  1.00 0.00 ? 11 DA  A OP1    1 
ATOM   315 O OP2    . DA  A 1 11 ? -14.329 9.572   -1.893  1.00 0.00 ? 11 DA  A OP2    1 
ATOM   316 O "O5'"  . DA  A 1 11 ? -12.753 8.598   -0.212  1.00 0.00 ? 11 DA  A "O5'"  1 
ATOM   317 C "C5'"  . DA  A 1 11 ? -13.671 7.654   0.347   1.00 0.00 ? 11 DA  A "C5'"  1 
ATOM   318 C "C4'"  . DA  A 1 11 ? -13.166 7.081   1.672   1.00 0.00 ? 11 DA  A "C4'"  1 
ATOM   319 O "O4'"  . DA  A 1 11 ? -11.975 7.771   2.113   1.00 0.00 ? 11 DA  A "O4'"  1 
ATOM   320 C "C3'"  . DA  A 1 11 ? -14.223 7.201   2.760   1.00 0.00 ? 11 DA  A "C3'"  1 
ATOM   321 O "O3'"  . DA  A 1 11 ? -14.654 5.903   3.193   1.00 0.00 ? 11 DA  A "O3'"  1 
ATOM   322 C "C2'"  . DA  A 1 11 ? -13.574 7.964   3.888   1.00 0.00 ? 11 DA  A "C2'"  1 
ATOM   323 C "C1'"  . DA  A 1 11 ? -12.160 8.307   3.438   1.00 0.00 ? 11 DA  A "C1'"  1 
ATOM   324 N N9     . DA  A 1 11 ? -11.941 9.768   3.441   1.00 0.00 ? 11 DA  A N9     1 
ATOM   325 C C8     . DA  A 1 11 ? -12.387 10.714  2.576   1.00 0.00 ? 11 DA  A C8     1 
ATOM   326 N N7     . DA  A 1 11 ? -12.052 11.938  2.806   1.00 0.00 ? 11 DA  A N7     1 
ATOM   327 C C5     . DA  A 1 11 ? -11.284 11.808  3.966   1.00 0.00 ? 11 DA  A C5     1 
ATOM   328 C C6     . DA  A 1 11 ? -10.607 12.737  4.762   1.00 0.00 ? 11 DA  A C6     1 
ATOM   329 N N6     . DA  A 1 11 ? -10.596 14.045  4.505   1.00 0.00 ? 11 DA  A N6     1 
ATOM   330 N N1     . DA  A 1 11 ? -9.944  12.268  5.833   1.00 0.00 ? 11 DA  A N1     1 
ATOM   331 C C2     . DA  A 1 11 ? -9.947  10.963  6.111   1.00 0.00 ? 11 DA  A C2     1 
ATOM   332 N N3     . DA  A 1 11 ? -10.555 9.997   5.429   1.00 0.00 ? 11 DA  A N3     1 
ATOM   333 C C4     . DA  A 1 11 ? -11.210 10.491  4.359   1.00 0.00 ? 11 DA  A C4     1 
ATOM   334 H "H5'"  . DA  A 1 11 ? -13.810 6.836   -0.361  1.00 0.00 ? 11 DA  A "H5'"  1 
ATOM   335 H "H5''" . DA  A 1 11 ? -14.631 8.145   0.508   1.00 0.00 ? 11 DA  A "H5''" 1 
ATOM   336 H "H4'"  . DA  A 1 11 ? -12.928 6.029   1.533   1.00 0.00 ? 11 DA  A "H4'"  1 
ATOM   337 H "H3'"  . DA  A 1 11 ? -15.078 7.768   2.384   1.00 0.00 ? 11 DA  A "H3'"  1 
ATOM   338 H "H2'"  . DA  A 1 11 ? -14.133 8.877   4.091   1.00 0.00 ? 11 DA  A "H2'"  1 
ATOM   339 H "H2''" . DA  A 1 11 ? -13.538 7.343   4.784   1.00 0.00 ? 11 DA  A "H2''" 1 
ATOM   340 H "H1'"  . DA  A 1 11 ? -11.447 7.839   4.115   1.00 0.00 ? 11 DA  A "H1'"  1 
ATOM   341 H H8     . DA  A 1 11 ? -12.986 10.447  1.706   1.00 0.00 ? 11 DA  A H8     1 
ATOM   342 H H61    . DA  A 1 11 ? -10.091 14.675  5.111   1.00 0.00 ? 11 DA  A H61    1 
ATOM   343 H H62    . DA  A 1 11 ? -11.095 14.407  3.705   1.00 0.00 ? 11 DA  A H62    1 
ATOM   344 H H2     . DA  A 1 11 ? -9.386  10.655  6.993   1.00 0.00 ? 11 DA  A H2     1 
ATOM   345 P P      . DA  A 1 12 ? -15.792 5.095   2.378   1.00 0.00 ? 12 DA  A P      1 
ATOM   346 O OP1    . DA  A 1 12 ? -16.069 5.821   1.117   1.00 0.00 ? 12 DA  A OP1    1 
ATOM   347 O OP2    . DA  A 1 12 ? -16.900 4.794   3.312   1.00 0.00 ? 12 DA  A OP2    1 
ATOM   348 O "O5'"  . DA  A 1 12 ? -15.055 3.710   2.008   1.00 0.00 ? 12 DA  A "O5'"  1 
ATOM   349 C "C5'"  . DA  A 1 12 ? -14.168 3.087   2.943   1.00 0.00 ? 12 DA  A "C5'"  1 
ATOM   350 C "C4'"  . DA  A 1 12 ? -13.272 2.037   2.289   1.00 0.00 ? 12 DA  A "C4'"  1 
ATOM   351 O "O4'"  . DA  A 1 12 ? -13.725 0.696   2.565   1.00 0.00 ? 12 DA  A "O4'"  1 
ATOM   352 C "C3'"  . DA  A 1 12 ? -13.219 2.189   0.777   1.00 0.00 ? 12 DA  A "C3'"  1 
ATOM   353 O "O3'"  . DA  A 1 12 ? -12.086 2.959   0.363   1.00 0.00 ? 12 DA  A "O3'"  1 
ATOM   354 C "C2'"  . DA  A 1 12 ? -13.142 0.781   0.246   1.00 0.00 ? 12 DA  A "C2'"  1 
ATOM   355 C "C1'"  . DA  A 1 12 ? -13.457 -0.142  1.417   1.00 0.00 ? 12 DA  A "C1'"  1 
ATOM   356 N N9     . DA  A 1 12 ? -14.603 -1.024  1.107   1.00 0.00 ? 12 DA  A N9     1 
ATOM   357 C C8     . DA  A 1 12 ? -15.938 -0.781  1.168   1.00 0.00 ? 12 DA  A C8     1 
ATOM   358 N N7     . DA  A 1 12 ? -16.735 -1.740  0.831   1.00 0.00 ? 12 DA  A N7     1 
ATOM   359 C C5     . DA  A 1 12 ? -15.833 -2.755  0.503   1.00 0.00 ? 12 DA  A C5     1 
ATOM   360 C C6     . DA  A 1 12 ? -16.007 -4.070  0.054   1.00 0.00 ? 12 DA  A C6     1 
ATOM   361 N N6     . DA  A 1 12 ? -17.205 -4.616  -0.152  1.00 0.00 ? 12 DA  A N6     1 
ATOM   362 N N1     . DA  A 1 12 ? -14.900 -4.798  -0.173  1.00 0.00 ? 12 DA  A N1     1 
ATOM   363 C C2     . DA  A 1 12 ? -13.691 -4.269  0.024   1.00 0.00 ? 12 DA  A C2     1 
ATOM   364 N N3     . DA  A 1 12 ? -13.411 -3.040  0.446   1.00 0.00 ? 12 DA  A N3     1 
ATOM   365 C C4     . DA  A 1 12 ? -14.536 -2.328  0.667   1.00 0.00 ? 12 DA  A C4     1 
ATOM   366 H "H5'"  . DA  A 1 12 ? -14.757 2.613   3.729   1.00 0.00 ? 12 DA  A "H5'"  1 
ATOM   367 H "H5''" . DA  A 1 12 ? -13.538 3.854   3.394   1.00 0.00 ? 12 DA  A "H5''" 1 
ATOM   368 H "H4'"  . DA  A 1 12 ? -12.269 2.148   2.686   1.00 0.00 ? 12 DA  A "H4'"  1 
ATOM   369 H "H3'"  . DA  A 1 12 ? -14.140 2.660   0.425   1.00 0.00 ? 12 DA  A "H3'"  1 
ATOM   370 H "H2'"  . DA  A 1 12 ? -13.872 0.639   -0.552  1.00 0.00 ? 12 DA  A "H2'"  1 
ATOM   371 H "H2''" . DA  A 1 12 ? -12.135 0.582   -0.124  1.00 0.00 ? 12 DA  A "H2''" 1 
ATOM   372 H "H1'"  . DA  A 1 12 ? -12.582 -0.758  1.627   1.00 0.00 ? 12 DA  A "H1'"  1 
ATOM   373 H H8     . DA  A 1 12 ? -16.325 0.185   1.489   1.00 0.00 ? 12 DA  A H8     1 
ATOM   374 H H61    . DA  A 1 12 ? -17.275 -5.571  -0.476  1.00 0.00 ? 12 DA  A H61    1 
ATOM   375 H H62    . DA  A 1 12 ? -18.042 -4.077  0.015   1.00 0.00 ? 12 DA  A H62    1 
ATOM   376 H H2     . DA  A 1 12 ? -12.839 -4.918  -0.179  1.00 0.00 ? 12 DA  A H2     1 
ATOM   377 P P      . DC  A 1 13 ? -12.290 4.409   -0.311  1.00 0.00 ? 13 DC  A P      1 
ATOM   378 O OP1    . DC  A 1 13 ? -11.275 5.327   0.252   1.00 0.00 ? 13 DC  A OP1    1 
ATOM   379 O OP2    . DC  A 1 13 ? -13.724 4.762   -0.226  1.00 0.00 ? 13 DC  A OP2    1 
ATOM   380 O "O5'"  . DC  A 1 13 ? -11.938 4.145   -1.863  1.00 0.00 ? 13 DC  A "O5'"  1 
ATOM   381 C "C5'"  . DC  A 1 13 ? -10.738 3.467   -2.242  1.00 0.00 ? 13 DC  A "C5'"  1 
ATOM   382 C "C4'"  . DC  A 1 13 ? -9.616  4.449   -2.569  1.00 0.00 ? 13 DC  A "C4'"  1 
ATOM   383 O "O4'"  . DC  A 1 13 ? -9.402  5.362   -1.476  1.00 0.00 ? 13 DC  A "O4'"  1 
ATOM   384 C "C3'"  . DC  A 1 13 ? -8.315  3.711   -2.841  1.00 0.00 ? 13 DC  A "C3'"  1 
ATOM   385 O "O3'"  . DC  A 1 13 ? -7.938  3.827   -4.218  1.00 0.00 ? 13 DC  A "O3'"  1 
ATOM   386 C "C2'"  . DC  A 1 13 ? -7.287  4.348   -1.948  1.00 0.00 ? 13 DC  A "C2'"  1 
ATOM   387 C "C1'"  . DC  A 1 13 ? -8.020  5.358   -1.078  1.00 0.00 ? 13 DC  A "C1'"  1 
ATOM   388 N N1     . DC  A 1 13 ? -7.888  5.007   0.353   1.00 0.00 ? 13 DC  A N1     1 
ATOM   389 C C2     . DC  A 1 13 ? -7.146  5.858   1.159   1.00 0.00 ? 13 DC  A C2     1 
ATOM   390 O O2     . DC  A 1 13 ? -6.647  6.879   0.689   1.00 0.00 ? 13 DC  A O2     1 
ATOM   391 N N3     . DC  A 1 13 ? -6.988  5.530   2.469   1.00 0.00 ? 13 DC  A N3     1 
ATOM   392 C C4     . DC  A 1 13 ? -7.539  4.419   2.973   1.00 0.00 ? 13 DC  A C4     1 
ATOM   393 N N4     . DC  A 1 13 ? -7.364  4.132   4.263   1.00 0.00 ? 13 DC  A N4     1 
ATOM   394 C C5     . DC  A 1 13 ? -8.305  3.539   2.149   1.00 0.00 ? 13 DC  A C5     1 
ATOM   395 C C6     . DC  A 1 13 ? -8.462  3.871   0.854   1.00 0.00 ? 13 DC  A C6     1 
ATOM   396 H "H5'"  . DC  A 1 13 ? -10.939 2.854   -3.121  1.00 0.00 ? 13 DC  A "H5'"  1 
ATOM   397 H "H5''" . DC  A 1 13 ? -10.418 2.821   -1.423  1.00 0.00 ? 13 DC  A "H5''" 1 
ATOM   398 H "H4'"  . DC  A 1 13 ? -9.885  5.024   -3.451  1.00 0.00 ? 13 DC  A "H4'"  1 
ATOM   399 H "H3'"  . DC  A 1 13 ? -8.427  2.659   -2.572  1.00 0.00 ? 13 DC  A "H3'"  1 
ATOM   400 H "H2'"  . DC  A 1 13 ? -6.812  3.590   -1.324  1.00 0.00 ? 13 DC  A "H2'"  1 
ATOM   401 H "H2''" . DC  A 1 13 ? -6.538  4.854   -2.553  1.00 0.00 ? 13 DC  A "H2''" 1 
ATOM   402 H "H1'"  . DC  A 1 13 ? -7.599  6.349   -1.247  1.00 0.00 ? 13 DC  A "H1'"  1 
ATOM   403 H H41    . DC  A 1 13 ? -6.821  4.752   4.847   1.00 0.00 ? 13 DC  A H41    1 
ATOM   404 H H42    . DC  A 1 13 ? -7.775  3.297   4.655   1.00 0.00 ? 13 DC  A H42    1 
ATOM   405 H H5     . DC  A 1 13 ? -8.730  2.619   2.547   1.00 0.00 ? 13 DC  A H5     1 
ATOM   406 H H6     . DC  A 1 13 ? -9.066  3.236   0.206   1.00 0.00 ? 13 DC  A H6     1 
ATOM   407 P P      . DC  A 1 14 ? -8.544  2.822   -5.325  1.00 0.00 ? 14 DC  A P      1 
ATOM   408 O OP1    . DC  A 1 14 ? -9.122  3.634   -6.419  1.00 0.00 ? 14 DC  A OP1    1 
ATOM   409 O OP2    . DC  A 1 14 ? -9.381  1.814   -4.634  1.00 0.00 ? 14 DC  A OP2    1 
ATOM   410 O "O5'"  . DC  A 1 14 ? -7.228  2.082   -5.888  1.00 0.00 ? 14 DC  A "O5'"  1 
ATOM   411 C "C5'"  . DC  A 1 14 ? -6.370  1.346   -5.010  1.00 0.00 ? 14 DC  A "C5'"  1 
ATOM   412 C "C4'"  . DC  A 1 14 ? -5.037  2.061   -4.802  1.00 0.00 ? 14 DC  A "C4'"  1 
ATOM   413 O "O4'"  . DC  A 1 14 ? -4.851  2.402   -3.414  1.00 0.00 ? 14 DC  A "O4'"  1 
ATOM   414 C "C3'"  . DC  A 1 14 ? -3.868  1.189   -5.239  1.00 0.00 ? 14 DC  A "C3'"  1 
ATOM   415 O "O3'"  . DC  A 1 14 ? -3.251  1.716   -6.419  1.00 0.00 ? 14 DC  A "O3'"  1 
ATOM   416 C "C2'"  . DC  A 1 14 ? -2.902  1.186   -4.082  1.00 0.00 ? 14 DC  A "C2'"  1 
ATOM   417 C "C1'"  . DC  A 1 14 ? -3.523  2.038   -2.988  1.00 0.00 ? 14 DC  A "C1'"  1 
ATOM   418 N N1     . DC  A 1 14 ? -3.559  1.313   -1.700  1.00 0.00 ? 14 DC  A N1     1 
ATOM   419 C C2     . DC  A 1 14 ? -2.745  1.780   -0.676  1.00 0.00 ? 14 DC  A C2     1 
ATOM   420 O O2     . DC  A 1 14 ? -2.028  2.764   -0.852  1.00 0.00 ? 14 DC  A O2     1 
ATOM   421 N N3     . DC  A 1 14 ? -2.768  1.125   0.515   1.00 0.00 ? 14 DC  A N3     1 
ATOM   422 C C4     . DC  A 1 14 ? -3.551  0.054   0.700   1.00 0.00 ? 14 DC  A C4     1 
ATOM   423 N N4     . DC  A 1 14 ? -3.548  -0.561  1.884   1.00 0.00 ? 14 DC  A N4     1 
ATOM   424 C C5     . DC  A 1 14 ? -4.390  -0.432  -0.352  1.00 0.00 ? 14 DC  A C5     1 
ATOM   425 C C6     . DC  A 1 14 ? -4.363  0.223   -1.528  1.00 0.00 ? 14 DC  A C6     1 
ATOM   426 H "H5'"  . DC  A 1 14 ? -6.187  0.361   -5.439  1.00 0.00 ? 14 DC  A "H5'"  1 
ATOM   427 H "H5''" . DC  A 1 14 ? -6.863  1.226   -4.045  1.00 0.00 ? 14 DC  A "H5''" 1 
ATOM   428 H "H4'"  . DC  A 1 14 ? -5.029  2.978   -5.389  1.00 0.00 ? 14 DC  A "H4'"  1 
ATOM   429 H "H3'"  . DC  A 1 14 ? -4.217  0.171   -5.423  1.00 0.00 ? 14 DC  A "H3'"  1 
ATOM   430 H "H2'"  . DC  A 1 14 ? -2.755  0.167   -3.724  1.00 0.00 ? 14 DC  A "H2'"  1 
ATOM   431 H "H2''" . DC  A 1 14 ? -1.949  1.613   -4.393  1.00 0.00 ? 14 DC  A "H2''" 1 
ATOM   432 H "H1'"  . DC  A 1 14 ? -2.934  2.944   -2.872  1.00 0.00 ? 14 DC  A "H1'"  1 
ATOM   433 H H41    . DC  A 1 14 ? -2.955  -0.218  2.630   1.00 0.00 ? 14 DC  A H41    1 
ATOM   434 H H42    . DC  A 1 14 ? -4.136  -1.366  2.036   1.00 0.00 ? 14 DC  A H42    1 
ATOM   435 H H5     . DC  A 1 14 ? -5.029  -1.303  -0.206  1.00 0.00 ? 14 DC  A H5     1 
ATOM   436 H H6     . DC  A 1 14 ? -4.990  -0.117  -2.351  1.00 0.00 ? 14 DC  A H6     1 
ATOM   437 P P      . DC  A 1 15 ? -2.388  0.764   -7.394  1.00 0.00 ? 15 DC  A P      1 
ATOM   438 O OP1    . DC  A 1 15 ? -2.009  1.549   -8.589  1.00 0.00 ? 15 DC  A OP1    1 
ATOM   439 O OP2    . DC  A 1 15 ? -3.112  -0.517  -7.551  1.00 0.00 ? 15 DC  A OP2    1 
ATOM   440 O "O5'"  . DC  A 1 15 ? -1.058  0.490   -6.528  1.00 0.00 ? 15 DC  A "O5'"  1 
ATOM   441 C "C5'"  . DC  A 1 15 ? -0.021  -0.357  -7.031  1.00 0.00 ? 15 DC  A "C5'"  1 
ATOM   442 C "C4'"  . DC  A 1 15 ? 1.344   0.044   -6.480  1.00 0.00 ? 15 DC  A "C4'"  1 
ATOM   443 O "O4'"  . DC  A 1 15 ? 1.339   0.044   -5.042  1.00 0.00 ? 15 DC  A "O4'"  1 
ATOM   444 C "C3'"  . DC  A 1 15 ? 2.428   -0.917  -6.945  1.00 0.00 ? 15 DC  A "C3'"  1 
ATOM   445 O "O3'"  . DC  A 1 15 ? 3.244   -0.320  -7.961  1.00 0.00 ? 15 DC  A "O3'"  1 
ATOM   446 C "C2'"  . DC  A 1 15 ? 3.241   -1.235  -5.720  1.00 0.00 ? 15 DC  A "C2'"  1 
ATOM   447 C "C1'"  . DC  A 1 15 ? 2.569   -0.521  -4.555  1.00 0.00 ? 15 DC  A "C1'"  1 
ATOM   448 N N1     . DC  A 1 15 ? 2.316   -1.446  -3.432  1.00 0.00 ? 15 DC  A N1     1 
ATOM   449 C C2     . DC  A 1 15 ? 2.788   -1.088  -2.173  1.00 0.00 ? 15 DC  A C2     1 
ATOM   450 O O2     . DC  A 1 15 ? 3.429   -0.050  -2.010  1.00 0.00 ? 15 DC  A O2     1 
ATOM   451 N N3     . DC  A 1 15 ? 2.543   -1.926  -1.140  1.00 0.00 ? 15 DC  A N3     1 
ATOM   452 C C4     . DC  A 1 15 ? 1.872   -3.067  -1.316  1.00 0.00 ? 15 DC  A C4     1 
ATOM   453 N N4     . DC  A 1 15 ? 1.694   -3.859  -0.264  1.00 0.00 ? 15 DC  A N4     1 
ATOM   454 C C5     . DC  A 1 15 ? 1.386   -3.446  -2.604  1.00 0.00 ? 15 DC  A C5     1 
ATOM   455 C C6     . DC  A 1 15 ? 1.629   -2.607  -3.629  1.00 0.00 ? 15 DC  A C6     1 
ATOM   456 H "H5'"  . DC  A 1 15 ? 0.000   -0.290  -8.119  1.00 0.00 ? 15 DC  A "H5'"  1 
ATOM   457 H "H5''" . DC  A 1 15 ? -0.233  -1.387  -6.742  1.00 0.00 ? 15 DC  A "H5''" 1 
ATOM   458 H "H4'"  . DC  A 1 15 ? 1.592   1.045   -6.823  1.00 0.00 ? 15 DC  A "H4'"  1 
ATOM   459 H "H3'"  . DC  A 1 15 ? 1.968   -1.833  -7.324  1.00 0.00 ? 15 DC  A "H3'"  1 
ATOM   460 H "H2'"  . DC  A 1 15 ? 3.249   -2.311  -5.546  1.00 0.00 ? 15 DC  A "H2'"  1 
ATOM   461 H "H2''" . DC  A 1 15 ? 4.259   -0.868  -5.843  1.00 0.00 ? 15 DC  A "H2''" 1 
ATOM   462 H "H1'"  . DC  A 1 15 ? 3.209   0.284   -4.221  1.00 0.00 ? 15 DC  A "H1'"  1 
ATOM   463 H H41    . DC  A 1 15 ? 2.047   -3.557  0.634   1.00 0.00 ? 15 DC  A H41    1 
ATOM   464 H H42    . DC  A 1 15 ? 1.229   -4.760  -0.360  1.00 0.00 ? 15 DC  A H42    1 
ATOM   465 H H5     . DC  A 1 15 ? 0.840   -4.378  -2.753  1.00 0.00 ? 15 DC  A H5     1 
ATOM   466 H H6     . DC  A 1 15 ? 1.275   -2.854  -4.628  1.00 0.00 ? 15 DC  A H6     1 
ATOM   467 P P      . DU  A 1 16 ? 3.336   -0.969  -9.433  1.00 0.00 ? 16 DU  A P      1 
ATOM   468 O OP1    . DU  A 1 16 ? 3.167   0.116   -10.426 1.00 0.00 ? 16 DU  A OP1    1 
ATOM   469 O OP2    . DU  A 1 16 ? 2.448   -2.154  -9.480  1.00 0.00 ? 16 DU  A OP2    1 
ATOM   470 O "O5'"  . DU  A 1 16 ? 4.862   -1.483  -9.499  1.00 0.00 ? 16 DU  A "O5'"  1 
ATOM   471 C "C5'"  . DU  A 1 16 ? 5.536   -1.612  -10.756 1.00 0.00 ? 16 DU  A "C5'"  1 
ATOM   472 C "C4'"  . DU  A 1 16 ? 6.226   -2.967  -10.891 1.00 0.00 ? 16 DU  A "C4'"  1 
ATOM   473 O "O4'"  . DU  A 1 16 ? 7.356   -3.056  -9.997  1.00 0.00 ? 16 DU  A "O4'"  1 
ATOM   474 C "C3'"  . DU  A 1 16 ? 5.267   -4.103  -10.560 1.00 0.00 ? 16 DU  A "C3'"  1 
ATOM   475 O "O3'"  . DU  A 1 16 ? 5.230   -5.045  -11.641 1.00 0.00 ? 16 DU  A "O3'"  1 
ATOM   476 C "C2'"  . DU  A 1 16 ? 5.808   -4.736  -9.303  1.00 0.00 ? 16 DU  A "C2'"  1 
ATOM   477 C "C1'"  . DU  A 1 16 ? 7.204   -4.182  -9.106  1.00 0.00 ? 16 DU  A "C1'"  1 
ATOM   478 N N1     . DU  A 1 16 ? 7.439   -3.788  -7.698  1.00 0.00 ? 16 DU  A N1     1 
ATOM   479 C C2     . DU  A 1 16 ? 7.673   -4.799  -6.778  1.00 0.00 ? 16 DU  A C2     1 
ATOM   480 O O2     . DU  A 1 16 ? 7.744   -5.980  -7.110  1.00 0.00 ? 16 DU  A O2     1 
ATOM   481 N N3     . DU  A 1 16 ? 7.875   -4.396  -5.469  1.00 0.00 ? 16 DU  A N3     1 
ATOM   482 C C4     . DU  A 1 16 ? 7.877   -3.095  -5.008  1.00 0.00 ? 16 DU  A C4     1 
ATOM   483 O O4     . DU  A 1 16 ? 8.111   -2.853  -3.829  1.00 0.00 ? 16 DU  A O4     1 
ATOM   484 C C5     . DU  A 1 16 ? 7.628   -2.105  -6.032  1.00 0.00 ? 16 DU  A C5     1 
ATOM   485 C C6     . DU  A 1 16 ? 7.418   -2.473  -7.319  1.00 0.00 ? 16 DU  A C6     1 
ATOM   486 H "H5'"  . DU  A 1 16 ? 6.284   -0.823  -10.839 1.00 0.00 ? 16 DU  A "H5'"  1 
ATOM   487 H "H5''" . DU  A 1 16 ? 4.811   -1.499  -11.563 1.00 0.00 ? 16 DU  A "H5''" 1 
ATOM   488 H "H4'"  . DU  A 1 16 ? 6.576   -3.086  -11.917 1.00 0.00 ? 16 DU  A "H4'"  1 
ATOM   489 H "H3'"  . DU  A 1 16 ? 4.268   -3.704  -10.373 1.00 0.00 ? 16 DU  A "H3'"  1 
ATOM   490 H "H2'"  . DU  A 1 16 ? 5.178   -4.473  -8.452  1.00 0.00 ? 16 DU  A "H2'"  1 
ATOM   491 H "H2''" . DU  A 1 16 ? 5.848   -5.819  -9.415  1.00 0.00 ? 16 DU  A "H2''" 1 
ATOM   492 H "H1'"  . DU  A 1 16 ? 7.917   -4.950  -9.384  1.00 0.00 ? 16 DU  A "H1'"  1 
ATOM   493 H H3     . DU  A 1 16 ? 7.993   -5.125  -4.777  1.00 0.00 ? 16 DU  A H3     1 
ATOM   494 H H5     . DU  A 1 16 ? 7.609   -1.049  -5.766  1.00 0.00 ? 16 DU  A H5     1 
ATOM   495 H H6     . DU  A 1 16 ? 7.234   -1.705  -8.070  1.00 0.00 ? 16 DU  A H6     1 
ATOM   496 P P      . DA  A 1 17 ? 4.343   -6.390  -11.565 1.00 0.00 ? 17 DA  A P      1 
ATOM   497 O OP1    . DA  A 1 17 ? 3.200   -6.241  -12.494 1.00 0.00 ? 17 DA  A OP1    1 
ATOM   498 O OP2    . DA  A 1 17 ? 4.096   -6.717  -10.142 1.00 0.00 ? 17 DA  A OP2    1 
ATOM   499 O "O5'"  . DA  A 1 17 ? 5.345   -7.499  -12.173 1.00 0.00 ? 17 DA  A "O5'"  1 
ATOM   500 C "C5'"  . DA  A 1 17 ? 6.645   -7.724  -11.604 1.00 0.00 ? 17 DA  A "C5'"  1 
ATOM   501 C "C4'"  . DA  A 1 17 ? 6.699   -9.057  -10.846 1.00 0.00 ? 17 DA  A "C4'"  1 
ATOM   502 O "O4'"  . DA  A 1 17 ? 8.052   -9.377  -10.454 1.00 0.00 ? 17 DA  A "O4'"  1 
ATOM   503 C "C3'"  . DA  A 1 17 ? 5.843   -8.995  -9.590  1.00 0.00 ? 17 DA  A "C3'"  1 
ATOM   504 O "O3'"  . DA  A 1 17 ? 4.896   -10.070 -9.563  1.00 0.00 ? 17 DA  A "O3'"  1 
ATOM   505 C "C2'"  . DA  A 1 17 ? 6.802   -9.095  -8.431  1.00 0.00 ? 17 DA  A "C2'"  1 
ATOM   506 C "C1'"  . DA  A 1 17 ? 8.156   -9.460  -9.010  1.00 0.00 ? 17 DA  A "C1'"  1 
ATOM   507 N N9     . DA  A 1 17 ? 9.216   -8.552  -8.521  1.00 0.00 ? 17 DA  A N9     1 
ATOM   508 C C8     . DA  A 1 17 ? 10.020  -7.731  -9.227  1.00 0.00 ? 17 DA  A C8     1 
ATOM   509 N N7     . DA  A 1 17 ? 10.867  -7.024  -8.560  1.00 0.00 ? 17 DA  A N7     1 
ATOM   510 C C5     . DA  A 1 17 ? 10.613  -7.421  -7.241  1.00 0.00 ? 17 DA  A C5     1 
ATOM   511 C C6     . DA  A 1 17 ? 11.178  -7.044  -6.015  1.00 0.00 ? 17 DA  A C6     1 
ATOM   512 N N6     . DA  A 1 17 ? 12.162  -6.173  -5.918  1.00 0.00 ? 17 DA  A N6     1 
ATOM   513 N N1     . DA  A 1 17 ? 10.691  -7.625  -4.906  1.00 0.00 ? 17 DA  A N1     1 
ATOM   514 C C2     . DA  A 1 17 ? 9.706   -8.531  -4.988  1.00 0.00 ? 17 DA  A C2     1 
ATOM   515 N N3     . DA  A 1 17 ? 9.094   -8.956  -6.106  1.00 0.00 ? 17 DA  A N3     1 
ATOM   516 C C4     . DA  A 1 17 ? 9.609   -8.356  -7.203  1.00 0.00 ? 17 DA  A C4     1 
ATOM   517 H "H5'"  . DA  A 1 17 ? 6.885   -6.909  -10.920 1.00 0.00 ? 17 DA  A "H5'"  1 
ATOM   518 H "H5''" . DA  A 1 17 ? 7.382   -7.742  -12.406 1.00 0.00 ? 17 DA  A "H5''" 1 
ATOM   519 H "H4'"  . DA  A 1 17 ? 6.329   -9.848  -11.494 1.00 0.00 ? 17 DA  A "H4'"  1 
ATOM   520 H "H3'"  . DA  A 1 17 ? 5.321   -8.039  -9.555  1.00 0.00 ? 17 DA  A "H3'"  1 
ATOM   521 H "H2'"  . DA  A 1 17 ? 6.862   -8.139  -7.917  1.00 0.00 ? 17 DA  A "H2'"  1 
ATOM   522 H "H2''" . DA  A 1 17 ? 6.470   -9.869  -7.740  1.00 0.00 ? 17 DA  A "H2''" 1 
ATOM   523 H "H1'"  . DA  A 1 17 ? 8.406   -10.486 -8.730  1.00 0.00 ? 17 DA  A "H1'"  1 
ATOM   524 H H8     . DA  A 1 17 ? 9.958   -7.686  -10.329 1.00 0.00 ? 17 DA  A H8     1 
ATOM   525 H H61    . DA  A 1 17 ? 12.536  -5.931  -5.016  1.00 0.00 ? 17 DA  A H61    1 
ATOM   526 H H62    . DA  A 1 17 ? 12.553  -5.754  -6.757  1.00 0.00 ? 17 DA  A H62    1 
ATOM   527 H H2     . DA  A 1 17 ? 9.379   -8.984  -4.040  1.00 0.00 ? 17 DA  A H2     1 
ATOM   528 P P      . DA  A 1 18 ? 3.626   -10.022 -8.568  1.00 0.00 ? 18 DA  A P      1 
ATOM   529 O OP1    . DA  A 1 18 ? 2.450   -10.547 -9.295  1.00 0.00 ? 18 DA  A OP1    1 
ATOM   530 O OP2    . DA  A 1 18 ? 3.571   -8.678  -7.952  1.00 0.00 ? 18 DA  A OP2    1 
ATOM   531 O "O5'"  . DA  A 1 18 ? 4.029   -11.086 -7.423  1.00 0.00 ? 18 DA  A "O5'"  1 
ATOM   532 C "C5'"  . DA  A 1 18 ? 3.242   -11.219 -6.231  1.00 0.00 ? 18 DA  A "C5'"  1 
ATOM   533 C "C4'"  . DA  A 1 18 ? 4.105   -11.108 -4.971  1.00 0.00 ? 18 DA  A "C4'"  1 
ATOM   534 O "O4'"  . DA  A 1 18 ? 5.208   -10.207 -5.199  1.00 0.00 ? 18 DA  A "O4'"  1 
ATOM   535 C "C3'"  . DA  A 1 18 ? 3.292   -10.574 -3.795  1.00 0.00 ? 18 DA  A "C3'"  1 
ATOM   536 O "O3'"  . DA  A 1 18 ? 3.262   -11.512 -2.715  1.00 0.00 ? 18 DA  A "O3'"  1 
ATOM   537 C "C2'"  . DA  A 1 18 ? 3.965   -9.302  -3.368  1.00 0.00 ? 18 DA  A "C2'"  1 
ATOM   538 C "C1'"  . DA  A 1 18 ? 5.083   -9.040  -4.361  1.00 0.00 ? 18 DA  A "C1'"  1 
ATOM   539 N N9     . DA  A 1 18 ? 4.788   -7.843  -5.183  1.00 0.00 ? 18 DA  A N9     1 
ATOM   540 C C8     . DA  A 1 18 ? 5.635   -7.030  -5.851  1.00 0.00 ? 18 DA  A C8     1 
ATOM   541 N N7     . DA  A 1 18 ? 5.123   -6.046  -6.514  1.00 0.00 ? 18 DA  A N7     1 
ATOM   542 C C5     . DA  A 1 18 ? 3.761   -6.214  -6.266  1.00 0.00 ? 18 DA  A C5     1 
ATOM   543 C C6     . DA  A 1 18 ? 2.628   -5.502  -6.678  1.00 0.00 ? 18 DA  A C6     1 
ATOM   544 N N6     . DA  A 1 18 ? 2.684   -4.427  -7.464  1.00 0.00 ? 18 DA  A N6     1 
ATOM   545 N N1     . DA  A 1 18 ? 1.433   -5.942  -6.249  1.00 0.00 ? 18 DA  A N1     1 
ATOM   546 C C2     . DA  A 1 18 ? 1.351   -7.017  -5.464  1.00 0.00 ? 18 DA  A C2     1 
ATOM   547 N N3     . DA  A 1 18 ? 2.355   -7.763  -5.017  1.00 0.00 ? 18 DA  A N3     1 
ATOM   548 C C4     . DA  A 1 18 ? 3.544   -7.305  -5.458  1.00 0.00 ? 18 DA  A C4     1 
ATOM   549 H "H5'"  . DA  A 1 18 ? 2.747   -12.190 -6.237  1.00 0.00 ? 18 DA  A "H5'"  1 
ATOM   550 H "H5''" . DA  A 1 18 ? 2.484   -10.435 -6.213  1.00 0.00 ? 18 DA  A "H5''" 1 
ATOM   551 H "H4'"  . DA  A 1 18 ? 4.496   -12.092 -4.719  1.00 0.00 ? 18 DA  A "H4'"  1 
ATOM   552 H "H3'"  . DA  A 1 18 ? 2.276   -10.352 -4.125  1.00 0.00 ? 18 DA  A "H3'"  1 
ATOM   553 H "H2'"  . DA  A 1 18 ? 3.251   -8.481  -3.381  1.00 0.00 ? 18 DA  A "H2'"  1 
ATOM   554 H "H2''" . DA  A 1 18 ? 4.379   -9.418  -2.366  1.00 0.00 ? 18 DA  A "H2''" 1 
ATOM   555 H "H1'"  . DA  A 1 18 ? 6.017   -8.889  -3.818  1.00 0.00 ? 18 DA  A "H1'"  1 
ATOM   556 H H8     . DA  A 1 18 ? 6.711   -7.203  -5.839  1.00 0.00 ? 18 DA  A H8     1 
ATOM   557 H H61    . DA  A 1 18 ? 1.834   -3.950  -7.729  1.00 0.00 ? 18 DA  A H61    1 
ATOM   558 H H62    . DA  A 1 18 ? 3.576   -4.088  -7.797  1.00 0.00 ? 18 DA  A H62    1 
ATOM   559 H H2     . DA  A 1 18 ? 0.350   -7.315  -5.154  1.00 0.00 ? 18 DA  A H2     1 
ATOM   560 P P      . DC  A 1 19 ? 2.076   -11.469 -1.626  1.00 0.00 ? 19 DC  A P      1 
ATOM   561 O OP1    . DC  A 1 19 ? 1.987   -12.804 -0.991  1.00 0.00 ? 19 DC  A OP1    1 
ATOM   562 O OP2    . DC  A 1 19 ? 0.878   -10.879 -2.265  1.00 0.00 ? 19 DC  A OP2    1 
ATOM   563 O "O5'"  . DC  A 1 19 ? 2.623   -10.423 -0.525  1.00 0.00 ? 19 DC  A "O5'"  1 
ATOM   564 C "C5'"  . DC  A 1 19 ? 2.150   -10.497 0.825   1.00 0.00 ? 19 DC  A "C5'"  1 
ATOM   565 C "C4'"  . DC  A 1 19 ? 2.602   -9.308  1.680   1.00 0.00 ? 19 DC  A "C4'"  1 
ATOM   566 O "O4'"  . DC  A 1 19 ? 3.686   -8.574  1.068   1.00 0.00 ? 19 DC  A "O4'"  1 
ATOM   567 C "C3'"  . DC  A 1 19 ? 1.458   -8.327  1.888   1.00 0.00 ? 19 DC  A "C3'"  1 
ATOM   568 O "O3'"  . DC  A 1 19 ? 0.806   -8.538  3.142   1.00 0.00 ? 19 DC  A "O3'"  1 
ATOM   569 C "C2'"  . DC  A 1 19 ? 2.074   -6.967  1.811   1.00 0.00 ? 19 DC  A "C2'"  1 
ATOM   570 C "C1'"  . DC  A 1 19 ? 3.475   -7.153  1.238   1.00 0.00 ? 19 DC  A "C1'"  1 
ATOM   571 N N1     . DC  A 1 19 ? 3.669   -6.438  -0.051  1.00 0.00 ? 19 DC  A N1     1 
ATOM   572 C C2     . DC  A 1 19 ? 4.606   -5.402  -0.068  1.00 0.00 ? 19 DC  A C2     1 
ATOM   573 O O2     . DC  A 1 19 ? 5.276   -5.088  0.913   1.00 0.00 ? 19 DC  A O2     1 
ATOM   574 N N3     . DC  A 1 19 ? 4.790   -4.777  -1.274  1.00 0.00 ? 19 DC  A N3     1 
ATOM   575 C C4     . DC  A 1 19 ? 4.141   -5.117  -2.411  1.00 0.00 ? 19 DC  A C4     1 
ATOM   576 N N4     . DC  A 1 19 ? 4.510   -4.473  -3.532  1.00 0.00 ? 19 DC  A N4     1 
ATOM   577 C C5     . DC  A 1 19 ? 3.184   -6.176  -2.389  1.00 0.00 ? 19 DC  A C5     1 
ATOM   578 C C6     . DC  A 1 19 ? 2.977   -6.808  -1.195  1.00 0.00 ? 19 DC  A C6     1 
ATOM   579 H H3     . DC  A 1 19 ? 5.441   -4.015  -1.293  1.00 0.00 ? 19 DC  A H3     1 
ATOM   580 H "H5'"  . DC  A 1 19 ? 2.523   -11.417 1.277   1.00 0.00 ? 19 DC  A "H5'"  1 
ATOM   581 H "H5''" . DC  A 1 19 ? 1.060   -10.530 0.813   1.00 0.00 ? 19 DC  A "H5''" 1 
ATOM   582 H "H4'"  . DC  A 1 19 ? 2.944   -9.684  2.656   1.00 0.00 ? 19 DC  A "H4'"  1 
ATOM   583 H "H3'"  . DC  A 1 19 ? 0.739   -8.418  1.069   1.00 0.00 ? 19 DC  A "H3'"  1 
ATOM   584 H "H2'"  . DC  A 1 19 ? 1.474   -6.342  1.172   1.00 0.00 ? 19 DC  A "H2'"  1 
ATOM   585 H "H2''" . DC  A 1 19 ? 2.135   -6.530  2.808   1.00 0.00 ? 19 DC  A "H2''" 1 
ATOM   586 H "H1'"  . DC  A 1 19 ? 4.189   -6.770  1.963   1.00 0.00 ? 19 DC  A "H1'"  1 
ATOM   587 H H41    . DC  A 1 19 ? 5.189   -3.720  -3.478  1.00 0.00 ? 19 DC  A H41    1 
ATOM   588 H H42    . DC  A 1 19 ? 4.151   -4.753  -4.428  1.00 0.00 ? 19 DC  A H42    1 
ATOM   589 H H5     . DC  A 1 19 ? 2.633   -6.462  -3.284  1.00 0.00 ? 19 DC  A H5     1 
ATOM   590 H H6     . DC  A 1 19 ? 2.252   -7.620  -1.140  1.00 0.00 ? 19 DC  A H6     1 
ATOM   591 P P      . DC  A 1 20 ? -0.780  -8.301  3.288   1.00 0.00 ? 20 DC  A P      1 
ATOM   592 O OP1    . DC  A 1 20 ? -1.288  -9.206  4.344   1.00 0.00 ? 20 DC  A OP1    1 
ATOM   593 O OP2    . DC  A 1 20 ? -1.385  -8.335  1.936   1.00 0.00 ? 20 DC  A OP2    1 
ATOM   594 O "O5'"  . DC  A 1 20 ? -0.854  -6.788  3.835   1.00 0.00 ? 20 DC  A "O5'"  1 
ATOM   595 C "C5'"  . DC  A 1 20 ? -0.835  -6.525  5.239   1.00 0.00 ? 20 DC  A "C5'"  1 
ATOM   596 C "C4'"  . DC  A 1 20 ? -0.116  -5.217  5.568   1.00 0.00 ? 20 DC  A "C4'"  1 
ATOM   597 O "O4'"  . DC  A 1 20 ? 0.651   -4.733  4.442   1.00 0.00 ? 20 DC  A "O4'"  1 
ATOM   598 C "C3'"  . DC  A 1 20 ? -1.107  -4.132  5.951   1.00 0.00 ? 20 DC  A "C3'"  1 
ATOM   599 O "O3'"  . DC  A 1 20 ? -1.170  -3.964  7.372   1.00 0.00 ? 20 DC  A "O3'"  1 
ATOM   600 C "C2'"  . DC  A 1 20 ? -0.620  -2.880  5.274   1.00 0.00 ? 20 DC  A "C2'"  1 
ATOM   601 C "C1'"  . DC  A 1 20 ? 0.435   -3.313  4.271   1.00 0.00 ? 20 DC  A "C1'"  1 
ATOM   602 N N1     . DC  A 1 20 ? -0.010  -3.001  2.899   1.00 0.00 ? 20 DC  A N1     1 
ATOM   603 C C2     . DC  A 1 20 ? 0.590   -1.915  2.269   1.00 0.00 ? 20 DC  A C2     1 
ATOM   604 O O2     . DC  A 1 20 ? 1.474   -1.255  2.805   1.00 0.00 ? 20 DC  A O2     1 
ATOM   605 N N3     . DC  A 1 20 ? 0.123   -1.614  1.005   1.00 0.00 ? 20 DC  A N3     1 
ATOM   606 C C4     . DC  A 1 20 ? -0.872  -2.321  0.394   1.00 0.00 ? 20 DC  A C4     1 
ATOM   607 N N4     . DC  A 1 20 ? -1.275  -1.910  -0.812  1.00 0.00 ? 20 DC  A N4     1 
ATOM   608 C C5     . DC  A 1 20 ? -1.470  -3.434  1.057   1.00 0.00 ? 20 DC  A C5     1 
ATOM   609 C C6     . DC  A 1 20 ? -1.011  -3.738  2.299   1.00 0.00 ? 20 DC  A C6     1 
ATOM   610 H H3     . DC  A 1 20 ? 0.560   -0.839  0.526   1.00 0.00 ? 20 DC  A H3     1 
ATOM   611 H "H5'"  . DC  A 1 20 ? -0.325  -7.344  5.747   1.00 0.00 ? 20 DC  A "H5'"  1 
ATOM   612 H "H5''" . DC  A 1 20 ? -1.861  -6.469  5.603   1.00 0.00 ? 20 DC  A "H5''" 1 
ATOM   613 H "H4'"  . DC  A 1 20 ? 0.560   -5.387  6.406   1.00 0.00 ? 20 DC  A "H4'"  1 
ATOM   614 H "H3'"  . DC  A 1 20 ? -2.095  -4.390  5.556   1.00 0.00 ? 20 DC  A "H3'"  1 
ATOM   615 H "H2'"  . DC  A 1 20 ? -1.446  -2.387  4.761   1.00 0.00 ? 20 DC  A "H2'"  1 
ATOM   616 H "H2''" . DC  A 1 20 ? -0.181  -2.206  6.009   1.00 0.00 ? 20 DC  A "H2''" 1 
ATOM   617 H "H1'"  . DC  A 1 20 ? 1.364   -2.783  4.476   1.00 0.00 ? 20 DC  A "H1'"  1 
ATOM   618 H H41    . DC  A 1 20 ? -0.825  -1.115  -1.251  1.00 0.00 ? 20 DC  A H41    1 
ATOM   619 H H42    . DC  A 1 20 ? -2.036  -2.382  -1.282  1.00 0.00 ? 20 DC  A H42    1 
ATOM   620 H H5     . DC  A 1 20 ? -2.262  -4.015  0.586   1.00 0.00 ? 20 DC  A H5     1 
ATOM   621 H H6     . DC  A 1 20 ? -1.436  -4.588  2.836   1.00 0.00 ? 20 DC  A H6     1 
ATOM   622 P P      . DC  A 1 21 ? -2.464  -3.300  8.066   1.00 0.00 ? 21 DC  A P      1 
ATOM   623 O OP1    . DC  A 1 21 ? -2.188  -3.152  9.512   1.00 0.00 ? 21 DC  A OP1    1 
ATOM   624 O OP2    . DC  A 1 21 ? -3.663  -4.041  7.614   1.00 0.00 ? 21 DC  A OP2    1 
ATOM   625 O "O5'"  . DC  A 1 21 ? -2.499  -1.832  7.406   1.00 0.00 ? 21 DC  A "O5'"  1 
ATOM   626 C "C5'"  . DC  A 1 21 ? -3.543  -0.909  7.731   1.00 0.00 ? 21 DC  A "C5'"  1 
ATOM   627 C "C4'"  . DC  A 1 21 ? -3.050  0.532   7.668   1.00 0.00 ? 21 DC  A "C4'"  1 
ATOM   628 O "O4'"  . DC  A 1 21 ? -2.684  0.891   6.327   1.00 0.00 ? 21 DC  A "O4'"  1 
ATOM   629 C "C3'"  . DC  A 1 21 ? -4.118  1.503   8.142   1.00 0.00 ? 21 DC  A "C3'"  1 
ATOM   630 O "O3'"  . DC  A 1 21 ? -3.835  1.980   9.463   1.00 0.00 ? 21 DC  A "O3'"  1 
ATOM   631 C "C2'"  . DC  A 1 21 ? -4.106  2.630   7.146   1.00 0.00 ? 21 DC  A "C2'"  1 
ATOM   632 C "C1'"  . DC  A 1 21 ? -3.164  2.213   6.029   1.00 0.00 ? 21 DC  A "C1'"  1 
ATOM   633 N N1     . DC  A 1 21 ? -3.860  2.220   4.733   1.00 0.00 ? 21 DC  A N1     1 
ATOM   634 C C2     . DC  A 1 21 ? -3.486  3.186   3.802   1.00 0.00 ? 21 DC  A C2     1 
ATOM   635 O O2     . DC  A 1 21 ? -2.603  4.012   4.028   1.00 0.00 ? 21 DC  A O2     1 
ATOM   636 N N3     . DC  A 1 21 ? -4.164  3.156   2.602   1.00 0.00 ? 21 DC  A N3     1 
ATOM   637 C C4     . DC  A 1 21 ? -5.143  2.246   2.325   1.00 0.00 ? 21 DC  A C4     1 
ATOM   638 N N4     . DC  A 1 21 ? -5.727  2.307   1.127   1.00 0.00 ? 21 DC  A N4     1 
ATOM   639 C C5     . DC  A 1 21 ? -5.508  1.269   3.294   1.00 0.00 ? 21 DC  A C5     1 
ATOM   640 C C6     . DC  A 1 21 ? -4.844  1.292   4.477   1.00 0.00 ? 21 DC  A C6     1 
ATOM   641 H H3     . DC  A 1 21 ? -3.908  3.846   1.914   1.00 0.00 ? 21 DC  A H3     1 
ATOM   642 H "H5'"  . DC  A 1 21 ? -3.905  -1.118  8.738   1.00 0.00 ? 21 DC  A "H5'"  1 
ATOM   643 H "H5''" . DC  A 1 21 ? -4.363  -1.037  7.023   1.00 0.00 ? 21 DC  A "H5''" 1 
ATOM   644 H "H4'"  . DC  A 1 21 ? -2.177  0.640   8.296   1.00 0.00 ? 21 DC  A "H4'"  1 
ATOM   645 H "H3'"  . DC  A 1 21 ? -5.093  1.011   8.121   1.00 0.00 ? 21 DC  A "H3'"  1 
ATOM   646 H "H2'"  . DC  A 1 21 ? -5.106  2.787   6.750   1.00 0.00 ? 21 DC  A "H2'"  1 
ATOM   647 H "H2''" . DC  A 1 21 ? -3.744  3.542   7.620   1.00 0.00 ? 21 DC  A "H2''" 1 
ATOM   648 H "H1'"  . DC  A 1 21 ? -2.322  2.897   5.998   1.00 0.00 ? 21 DC  A "H1'"  1 
ATOM   649 H H41    . DC  A 1 21 ? -5.442  3.014   0.463   1.00 0.00 ? 21 DC  A H41    1 
ATOM   650 H H42    . DC  A 1 21 ? -6.454  1.649   0.885   1.00 0.00 ? 21 DC  A H42    1 
ATOM   651 H H5     . DC  A 1 21 ? -6.288  0.533   3.095   1.00 0.00 ? 21 DC  A H5     1 
ATOM   652 H H6     . DC  A 1 21 ? -5.089  0.557   5.246   1.00 0.00 ? 21 DC  A H6     1 
ATOM   653 P P      . DT  A 1 22 ? -5.032  2.356   10.476  1.00 0.00 ? 22 DT  A P      1 
ATOM   654 O OP1    . DT  A 1 22 ? -4.599  2.017   11.850  1.00 0.00 ? 22 DT  A OP1    1 
ATOM   655 O OP2    . DT  A 1 22 ? -6.292  1.792   9.941   1.00 0.00 ? 22 DT  A OP2    1 
ATOM   656 O "O5'"  . DT  A 1 22 ? -5.108  3.961   10.352  1.00 0.00 ? 22 DT  A "O5'"  1 
ATOM   657 C "C5'"  . DT  A 1 22 ? -4.077  4.784   10.906  1.00 0.00 ? 22 DT  A "C5'"  1 
ATOM   658 C "C4'"  . DT  A 1 22 ? -4.327  6.264   10.628  1.00 0.00 ? 22 DT  A "C4'"  1 
ATOM   659 O "O4'"  . DT  A 1 22 ? -4.743  6.471   9.268   1.00 0.00 ? 22 DT  A "O4'"  1 
ATOM   660 C "C3'"  . DT  A 1 22 ? -5.411  6.824   11.536  1.00 0.00 ? 22 DT  A "C3'"  1 
ATOM   661 O "O3'"  . DT  A 1 22 ? -4.846  7.640   12.567  1.00 0.00 ? 22 DT  A "O3'"  1 
ATOM   662 C "C2'"  . DT  A 1 22 ? -6.311  7.635   10.638  1.00 0.00 ? 22 DT  A "C2'"  1 
ATOM   663 C "C1'"  . DT  A 1 22 ? -5.766  7.480   9.227   1.00 0.00 ? 22 DT  A "C1'"  1 
ATOM   664 N N1     . DT  A 1 22 ? -6.835  7.110   8.277   1.00 0.00 ? 22 DT  A N1     1 
ATOM   665 C C2     . DT  A 1 22 ? -7.247  8.067   7.363   1.00 0.00 ? 22 DT  A C2     1 
ATOM   666 O O2     . DT  A 1 22 ? -6.755  9.194   7.323   1.00 0.00 ? 22 DT  A O2     1 
ATOM   667 N N3     . DT  A 1 22 ? -8.249  7.680   6.492   1.00 0.00 ? 22 DT  A N3     1 
ATOM   668 C C4     . DT  A 1 22 ? -8.860  6.441   6.451   1.00 0.00 ? 22 DT  A C4     1 
ATOM   669 O O4     . DT  A 1 22 ? -9.741  6.204   5.627   1.00 0.00 ? 22 DT  A O4     1 
ATOM   670 C C5     . DT  A 1 22 ? -8.365  5.508   7.441   1.00 0.00 ? 22 DT  A C5     1 
ATOM   671 C C7     . DT  A 1 22 ? -8.955  4.106   7.514   1.00 0.00 ? 22 DT  A C7     1 
ATOM   672 C C6     . DT  A 1 22 ? -7.391  5.861   8.302   1.00 0.00 ? 22 DT  A C6     1 
ATOM   673 H "H5'"  . DT  A 1 22 ? -3.120  4.498   10.471  1.00 0.00 ? 22 DT  A "H5'"  1 
ATOM   674 H "H5''" . DT  A 1 22 ? -4.037  4.626   11.985  1.00 0.00 ? 22 DT  A "H5''" 1 
ATOM   675 H "H4'"  . DT  A 1 22 ? -3.407  6.820   10.794  1.00 0.00 ? 22 DT  A "H4'"  1 
ATOM   676 H "H3'"  . DT  A 1 22 ? -5.981  6.004   11.977  1.00 0.00 ? 22 DT  A "H3'"  1 
ATOM   677 H "HO3'" . DT  A 1 22 ? -4.994  7.190   13.401  1.00 0.00 ? 22 DT  A "HO3'" 1 
ATOM   678 H "H2'"  . DT  A 1 22 ? -7.332  7.254   10.690  1.00 0.00 ? 22 DT  A "H2'"  1 
ATOM   679 H "H2''" . DT  A 1 22 ? -6.289  8.684   10.935  1.00 0.00 ? 22 DT  A "H2''" 1 
ATOM   680 H "H1'"  . DT  A 1 22 ? -5.315  8.421   8.916   1.00 0.00 ? 22 DT  A "H1'"  1 
ATOM   681 H H3     . DT  A 1 22 ? -8.571  8.370   5.829   1.00 0.00 ? 22 DT  A H3     1 
ATOM   682 H H71    . DT  A 1 22 ? -9.279  3.900   8.535   1.00 0.00 ? 22 DT  A H71    1 
ATOM   683 H H72    . DT  A 1 22 ? -8.198  3.377   7.219   1.00 0.00 ? 22 DT  A H72    1 
ATOM   684 H H73    . DT  A 1 22 ? -9.810  4.034   6.841   1.00 0.00 ? 22 DT  A H73    1 
ATOM   685 H H6     . DT  A 1 22 ? -7.042  5.136   9.040   1.00 0.00 ? 22 DT  A H6     1 
# 
